data_4JBE
#
_entry.id   4JBE
#
_cell.length_a   265.510
_cell.length_b   55.118
_cell.length_c   64.246
_cell.angle_alpha   90.00
_cell.angle_beta   91.18
_cell.angle_gamma   90.00
#
_symmetry.space_group_name_H-M   'C 1 2 1'
#
loop_
_entity.id
_entity.type
_entity.pdbx_description
1 polymer 'Gamma-glutamyl phosphate reductase'
2 non-polymer 'CALCIUM ION'
3 non-polymer 'CHLORIDE ION'
4 non-polymer BETA-MERCAPTOETHANOL
5 non-polymer 1,2-ETHANEDIOL
6 non-polymer '2-(N-MORPHOLINO)-ETHANESULFONIC ACID'
7 water water
#
_entity_poly.entity_id   1
_entity_poly.type   'polypeptide(L)'
_entity_poly.pdbx_seq_one_letter_code
;(MSE)HHHHHHSSGVDLWSHPQFEKGTENLYFQSNA(MSE)TNEVAKAVEECARAAKSAAPSLSGAPDTAIDAALES
(MSE)ADRLLAHRDAVLAANAEDIAKAEAGG(MSE)SAGLLDRLTITESRLTD(MSE)ADQLRLLAGAPHPQRTVELSTL
DGGLRLVERRRPVGVIGANYEARPNVTVDVASQLVKSRNAGVLRTGSAALKSAQRLLEVVIRPALTDSGIDANVVQLVPR
PEREAAGALVRLPDLVPLVILRGSGESTRALALEAAQHGVRTLAHADGGGVLYVDEKADRDTVRSLVVNSLDRLGVCNRL
NLLLIHDAVYEEFWPVVSEALAERGVSPSLPPYDHPIGYEWALDSEREATVTVARVDGVAEAVRIANEETSGLAAGIATE
DARAAEEFFDGYQGTGVFWNAPTRLLDGFKLLGVPETGINLDKVPGPRGPVTYPDLYVRQYAVLPVER
;
_entity_poly.pdbx_strand_id   A,B
#
# COMPACT_ATOMS: atom_id res chain seq x y z
N ASN A 35 23.00 -17.49 14.30
CA ASN A 35 22.09 -17.57 15.47
C ASN A 35 22.06 -16.27 16.25
N GLU A 36 23.21 -15.86 16.80
CA GLU A 36 23.30 -14.66 17.65
C GLU A 36 22.81 -13.34 17.01
N VAL A 37 23.09 -13.15 15.73
CA VAL A 37 22.66 -11.93 15.04
C VAL A 37 21.13 -11.93 14.90
N ALA A 38 20.58 -12.99 14.34
CA ALA A 38 19.13 -13.12 14.19
C ALA A 38 18.40 -13.07 15.55
N LYS A 39 19.04 -13.60 16.60
CA LYS A 39 18.45 -13.61 17.92
C LYS A 39 18.38 -12.19 18.50
N ALA A 40 19.41 -11.38 18.26
CA ALA A 40 19.43 -10.02 18.77
C ALA A 40 18.35 -9.21 18.05
N VAL A 41 18.20 -9.43 16.74
CA VAL A 41 17.20 -8.69 15.97
C VAL A 41 15.79 -9.05 16.40
N GLU A 42 15.53 -10.34 16.60
CA GLU A 42 14.23 -10.79 17.09
C GLU A 42 13.97 -10.22 18.49
N GLU A 43 14.97 -10.23 19.37
CA GLU A 43 14.79 -9.66 20.71
C GLU A 43 14.36 -8.20 20.64
N CYS A 44 15.05 -7.42 19.82
CA CYS A 44 14.69 -6.01 19.62
C CYS A 44 13.22 -5.85 19.12
N ALA A 45 12.81 -6.66 18.15
CA ALA A 45 11.46 -6.58 17.58
C ALA A 45 10.39 -6.85 18.65
N ARG A 46 10.60 -7.90 19.45
CA ARG A 46 9.65 -8.26 20.52
C ARG A 46 9.58 -7.19 21.59
N ALA A 47 10.71 -6.59 21.94
CA ALA A 47 10.70 -5.53 22.94
C ALA A 47 9.96 -4.30 22.39
N ALA A 48 10.16 -4.00 21.10
CA ALA A 48 9.45 -2.88 20.44
C ALA A 48 7.95 -3.16 20.40
N LYS A 49 7.58 -4.37 19.99
CA LYS A 49 6.16 -4.74 19.93
C LYS A 49 5.44 -4.68 21.27
N SER A 50 6.12 -5.13 22.34
N SER A 50 6.09 -5.14 22.35
CA SER A 50 5.55 -5.14 23.68
CA SER A 50 5.48 -5.11 23.69
C SER A 50 5.35 -3.72 24.25
C SER A 50 5.30 -3.69 24.22
N ALA A 51 6.21 -2.79 23.85
CA ALA A 51 6.14 -1.40 24.32
C ALA A 51 5.19 -0.53 23.47
N ALA A 52 4.91 -0.98 22.25
CA ALA A 52 4.08 -0.22 21.30
C ALA A 52 2.74 0.34 21.82
N PRO A 53 1.98 -0.44 22.61
CA PRO A 53 0.71 0.12 23.09
C PRO A 53 0.84 1.46 23.82
N SER A 54 1.94 1.65 24.55
CA SER A 54 2.18 2.91 25.27
C SER A 54 2.27 4.10 24.29
N LEU A 55 2.88 3.88 23.14
CA LEU A 55 3.00 4.91 22.12
C LEU A 55 1.64 5.07 21.40
N SER A 56 1.03 3.96 21.02
CA SER A 56 -0.25 3.98 20.34
C SER A 56 -1.31 4.76 21.13
N GLY A 57 -1.31 4.61 22.45
CA GLY A 57 -2.30 5.29 23.30
C GLY A 57 -1.92 6.68 23.79
N ALA A 58 -0.76 7.19 23.40
CA ALA A 58 -0.32 8.51 23.88
C ALA A 58 -1.09 9.61 23.16
N PRO A 59 -1.46 10.67 23.88
CA PRO A 59 -2.17 11.76 23.23
C PRO A 59 -1.21 12.61 22.36
N ASP A 60 -1.77 13.41 21.45
CA ASP A 60 -0.98 14.29 20.56
C ASP A 60 -0.02 15.18 21.31
N THR A 61 -0.47 15.71 22.46
CA THR A 61 0.35 16.60 23.29
C THR A 61 1.59 15.91 23.83
N ALA A 62 1.43 14.65 24.23
CA ALA A 62 2.55 13.86 24.75
C ALA A 62 3.61 13.57 23.65
N ILE A 63 3.13 13.20 22.47
CA ILE A 63 4.01 12.96 21.32
C ILE A 63 4.81 14.21 20.98
N ASP A 64 4.10 15.32 20.85
CA ASP A 64 4.75 16.55 20.47
C ASP A 64 5.71 17.05 21.55
N ALA A 65 5.36 16.85 22.82
CA ALA A 65 6.21 17.27 23.92
C ALA A 65 7.49 16.45 23.89
N ALA A 66 7.37 15.16 23.57
CA ALA A 66 8.51 14.27 23.46
C ALA A 66 9.47 14.75 22.38
N LEU A 67 8.92 15.16 21.25
CA LEU A 67 9.74 15.66 20.12
C LEU A 67 10.44 16.96 20.51
N GLU A 68 9.71 17.85 21.16
CA GLU A 68 10.28 19.12 21.62
C GLU A 68 11.42 18.86 22.61
N SER A 69 11.21 17.88 23.49
CA SER A 69 12.20 17.50 24.49
C SER A 69 13.48 16.92 23.82
N ALA A 71 14.69 17.79 20.96
CA ALA A 71 15.42 18.95 20.41
C ALA A 71 16.22 19.60 21.51
N ASP A 72 15.55 19.83 22.65
CA ASP A 72 16.19 20.43 23.81
C ASP A 72 17.37 19.63 24.36
N ARG A 73 17.19 18.31 24.46
N ARG A 73 17.21 18.31 24.47
CA ARG A 73 18.22 17.42 24.98
CA ARG A 73 18.27 17.44 24.99
C ARG A 73 19.43 17.31 24.05
C ARG A 73 19.45 17.34 24.05
N LEU A 74 19.20 17.37 22.75
CA LEU A 74 20.28 17.30 21.76
C LEU A 74 21.25 18.45 21.99
N LEU A 75 20.71 19.63 22.22
CA LEU A 75 21.52 20.80 22.46
C LEU A 75 22.11 20.79 23.87
N ALA A 76 21.29 20.45 24.85
CA ALA A 76 21.74 20.43 26.25
C ALA A 76 22.86 19.41 26.50
N HIS A 77 22.79 18.27 25.81
CA HIS A 77 23.79 17.17 25.96
C HIS A 77 24.74 17.05 24.79
N ARG A 78 24.99 18.20 24.16
N ARG A 78 25.01 18.17 24.09
CA ARG A 78 25.90 18.34 23.04
CA ARG A 78 25.89 18.11 22.93
C ARG A 78 27.22 17.62 23.32
C ARG A 78 27.29 17.59 23.30
N ASP A 79 27.78 17.90 24.50
CA ASP A 79 29.09 17.37 24.92
C ASP A 79 29.17 15.84 24.83
N ALA A 80 28.22 15.16 25.43
CA ALA A 80 28.18 13.69 25.42
C ALA A 80 27.92 13.10 24.03
N VAL A 81 26.99 13.71 23.28
CA VAL A 81 26.69 13.26 21.93
C VAL A 81 27.92 13.39 21.02
N LEU A 82 28.59 14.54 21.08
CA LEU A 82 29.77 14.81 20.22
C LEU A 82 30.98 14.00 20.66
N ALA A 83 31.07 13.72 21.96
CA ALA A 83 32.18 12.92 22.48
C ALA A 83 32.11 11.49 21.90
N ALA A 84 30.93 10.88 21.91
CA ALA A 84 30.74 9.54 21.36
C ALA A 84 31.05 9.51 19.84
N ASN A 85 30.64 10.57 19.14
CA ASN A 85 30.89 10.66 17.71
C ASN A 85 32.39 10.79 17.42
N ALA A 86 33.10 11.57 18.25
CA ALA A 86 34.54 11.74 18.07
C ALA A 86 35.26 10.41 18.20
N GLU A 87 34.76 9.54 19.10
CA GLU A 87 35.34 8.20 19.27
C GLU A 87 35.07 7.37 18.01
N ASP A 88 33.86 7.45 17.46
CA ASP A 88 33.57 6.74 16.20
C ASP A 88 34.47 7.25 15.07
N ILE A 89 34.70 8.57 15.00
CA ILE A 89 35.56 9.14 13.96
C ILE A 89 36.98 8.62 14.08
N ALA A 90 37.55 8.69 15.28
CA ALA A 90 38.90 8.20 15.52
C ALA A 90 39.04 6.75 15.07
N LYS A 91 38.08 5.90 15.46
CA LYS A 91 38.15 4.50 15.09
C LYS A 91 38.09 4.32 13.56
N ALA A 92 37.23 5.11 12.90
CA ALA A 92 37.09 5.06 11.45
C ALA A 92 38.36 5.51 10.75
N GLU A 93 38.97 6.60 11.22
CA GLU A 93 40.21 7.09 10.64
C GLU A 93 41.33 6.09 10.81
N ALA A 94 41.44 5.50 12.00
CA ALA A 94 42.48 4.50 12.28
C ALA A 94 42.29 3.27 11.41
N GLY A 95 41.04 2.98 11.05
CA GLY A 95 40.73 1.81 10.23
C GLY A 95 40.84 2.06 8.73
N GLY A 96 41.15 3.30 8.36
CA GLY A 96 41.33 3.65 6.95
C GLY A 96 40.09 3.96 6.14
N SER A 98 37.31 6.18 4.05
CA SER A 98 37.43 7.27 3.08
C SER A 98 36.88 8.59 3.59
N ALA A 99 37.38 9.66 2.99
CA ALA A 99 36.97 11.01 3.34
C ALA A 99 35.45 11.19 3.24
N GLY A 100 34.85 10.68 2.17
CA GLY A 100 33.39 10.79 1.94
C GLY A 100 32.57 10.08 3.02
N LEU A 101 33.00 8.88 3.38
CA LEU A 101 32.31 8.15 4.43
C LEU A 101 32.57 8.75 5.83
N LEU A 102 33.78 9.28 6.09
CA LEU A 102 34.05 9.97 7.37
C LEU A 102 33.13 11.19 7.46
N ASP A 103 32.92 11.86 6.34
CA ASP A 103 32.03 13.04 6.32
C ASP A 103 30.61 12.68 6.74
N ARG A 104 30.09 11.61 6.15
CA ARG A 104 28.76 11.16 6.52
C ARG A 104 28.62 10.78 7.98
N LEU A 105 29.69 10.23 8.56
CA LEU A 105 29.72 9.80 9.97
C LEU A 105 29.85 10.97 10.97
N THR A 106 30.36 12.10 10.51
CA THR A 106 30.68 13.22 11.39
C THR A 106 29.55 14.16 11.67
N ILE A 107 29.28 14.33 12.96
CA ILE A 107 28.26 15.27 13.41
C ILE A 107 28.98 16.58 13.63
N THR A 108 28.64 17.56 12.82
CA THR A 108 29.18 18.90 12.91
C THR A 108 28.22 19.74 13.73
N GLU A 109 28.67 20.90 14.17
N GLU A 109 28.68 20.90 14.17
CA GLU A 109 27.83 21.80 14.95
CA GLU A 109 27.84 21.79 14.96
C GLU A 109 26.55 22.12 14.17
C GLU A 109 26.57 22.14 14.18
N SER A 110 26.73 22.39 12.88
CA SER A 110 25.61 22.74 12.00
C SER A 110 24.61 21.59 11.87
N ARG A 111 25.12 20.38 11.71
CA ARG A 111 24.27 19.22 11.61
C ARG A 111 23.45 19.02 12.89
N LEU A 112 24.04 19.34 14.04
CA LEU A 112 23.38 19.17 15.33
C LEU A 112 22.23 20.18 15.45
N THR A 113 22.49 21.42 15.07
CA THR A 113 21.43 22.44 15.16
C THR A 113 20.33 22.17 14.11
N ASP A 114 20.72 21.69 12.93
CA ASP A 114 19.74 21.28 11.90
C ASP A 114 18.83 20.16 12.42
N ALA A 116 18.03 19.53 15.55
CA ALA A 116 17.16 20.13 16.57
C ALA A 116 16.04 20.92 15.89
N ASP A 117 16.39 21.73 14.89
CA ASP A 117 15.41 22.50 14.13
C ASP A 117 14.34 21.57 13.51
N GLN A 118 14.76 20.49 12.86
CA GLN A 118 13.85 19.52 12.25
C GLN A 118 12.92 18.85 13.29
N LEU A 119 13.45 18.52 14.46
CA LEU A 119 12.63 17.96 15.54
C LEU A 119 11.52 18.94 15.98
N ARG A 120 11.83 20.23 16.07
CA ARG A 120 10.82 21.24 16.45
C ARG A 120 9.77 21.44 15.34
N LEU A 121 10.19 21.40 14.08
CA LEU A 121 9.28 21.46 12.94
C LEU A 121 8.29 20.28 13.00
N LEU A 122 8.84 19.08 13.20
CA LEU A 122 8.03 17.86 13.29
C LEU A 122 7.08 17.90 14.49
N ALA A 123 7.57 18.34 15.64
CA ALA A 123 6.73 18.50 16.81
C ALA A 123 5.52 19.42 16.51
N GLY A 124 5.70 20.45 15.70
CA GLY A 124 4.61 21.39 15.38
C GLY A 124 3.68 20.93 14.26
N ALA A 125 4.11 19.90 13.52
CA ALA A 125 3.36 19.39 12.38
C ALA A 125 2.03 18.81 12.87
N PRO A 126 1.00 18.81 12.01
CA PRO A 126 -0.30 18.36 12.47
C PRO A 126 -0.48 16.84 12.64
N HIS A 127 -1.43 16.48 13.49
CA HIS A 127 -1.86 15.09 13.70
C HIS A 127 -3.21 14.85 13.00
N PRO A 128 -3.24 13.95 12.01
CA PRO A 128 -4.55 13.73 11.37
C PRO A 128 -5.55 13.10 12.34
N GLN A 129 -6.85 13.35 12.12
CA GLN A 129 -7.91 12.79 12.98
C GLN A 129 -7.85 11.28 12.91
N ARG A 130 -7.58 10.63 14.04
CA ARG A 130 -7.47 9.16 14.06
C ARG A 130 -8.80 8.41 14.04
N THR A 131 -9.90 9.12 14.27
N THR A 131 -9.89 9.14 14.26
CA THR A 131 -11.23 8.53 14.20
CA THR A 131 -11.23 8.59 14.24
C THR A 131 -12.11 9.51 13.44
C THR A 131 -12.11 9.53 13.44
N VAL A 132 -12.69 9.04 12.34
CA VAL A 132 -13.54 9.86 11.50
C VAL A 132 -14.93 9.21 11.46
N GLU A 133 -15.95 9.98 11.84
CA GLU A 133 -17.32 9.48 11.83
C GLU A 133 -17.78 9.49 10.36
N LEU A 134 -18.08 8.31 9.83
CA LEU A 134 -18.50 8.21 8.43
C LEU A 134 -19.99 8.33 8.21
N SER A 135 -20.78 7.59 8.98
CA SER A 135 -22.23 7.59 8.83
C SER A 135 -22.90 6.69 9.84
N THR A 136 -24.23 6.77 9.87
CA THR A 136 -25.05 5.89 10.69
C THR A 136 -25.34 4.68 9.83
N LEU A 137 -25.78 3.60 10.45
CA LEU A 137 -26.12 2.37 9.76
C LEU A 137 -27.42 1.81 10.33
N ASP A 138 -28.01 0.86 9.62
CA ASP A 138 -29.26 0.23 10.09
C ASP A 138 -29.04 -0.50 11.41
N GLY A 139 -30.10 -0.68 12.17
CA GLY A 139 -30.04 -1.36 13.45
C GLY A 139 -29.50 -0.51 14.59
N GLY A 140 -29.55 0.81 14.44
CA GLY A 140 -29.08 1.74 15.47
C GLY A 140 -27.58 1.72 15.65
N LEU A 141 -26.84 1.62 14.55
CA LEU A 141 -25.37 1.58 14.59
C LEU A 141 -24.76 2.75 13.85
N ARG A 142 -23.47 2.97 14.07
CA ARG A 142 -22.70 3.99 13.34
C ARG A 142 -21.33 3.44 12.95
N LEU A 143 -20.75 4.01 11.90
CA LEU A 143 -19.48 3.55 11.35
C LEU A 143 -18.39 4.59 11.52
N VAL A 144 -17.23 4.14 11.97
CA VAL A 144 -16.08 5.00 12.13
C VAL A 144 -14.88 4.44 11.32
N GLU A 145 -14.12 5.31 10.66
CA GLU A 145 -12.90 4.85 10.00
C GLU A 145 -11.75 5.26 10.92
N ARG A 146 -10.97 4.28 11.36
CA ARG A 146 -9.86 4.53 12.26
C ARG A 146 -8.51 4.38 11.58
N ARG A 147 -7.57 5.20 12.05
CA ARG A 147 -6.19 5.13 11.63
C ARG A 147 -5.47 4.46 12.78
N ARG A 148 -4.82 3.33 12.51
N ARG A 148 -4.78 3.36 12.49
CA ARG A 148 -4.05 2.59 13.50
CA ARG A 148 -4.04 2.62 13.47
C ARG A 148 -2.58 2.61 13.08
C ARG A 148 -2.56 2.58 13.07
N PRO A 149 -1.65 2.50 14.06
CA PRO A 149 -0.24 2.44 13.68
C PRO A 149 0.04 1.12 12.96
N VAL A 150 1.12 1.08 12.19
CA VAL A 150 1.55 -0.16 11.57
C VAL A 150 1.95 -1.16 12.71
N GLY A 151 2.53 -0.62 13.79
CA GLY A 151 2.96 -1.42 14.93
C GLY A 151 4.45 -1.18 15.14
N VAL A 152 5.25 -2.10 14.59
CA VAL A 152 6.70 -1.99 14.61
C VAL A 152 7.15 -1.87 13.15
N ILE A 153 7.94 -0.86 12.88
CA ILE A 153 8.49 -0.62 11.53
C ILE A 153 9.99 -0.68 11.64
N GLY A 154 10.62 -1.43 10.73
CA GLY A 154 12.09 -1.48 10.73
C GLY A 154 12.69 -0.38 9.89
N ALA A 155 13.97 -0.10 10.10
CA ALA A 155 14.68 0.86 9.28
C ALA A 155 16.15 0.46 9.14
N ASN A 156 16.62 0.37 7.90
CA ASN A 156 18.01 0.07 7.61
C ASN A 156 18.63 1.28 6.94
N TYR A 157 19.76 1.75 7.46
CA TYR A 157 20.39 2.94 6.91
C TYR A 157 21.90 3.00 7.17
N GLU A 158 22.56 3.94 6.50
CA GLU A 158 24.00 4.03 6.55
C GLU A 158 24.53 4.59 7.85
N ALA A 159 25.86 4.61 7.99
CA ALA A 159 26.49 5.05 9.22
C ALA A 159 26.52 6.57 9.26
N ARG A 160 25.35 7.14 9.48
N ARG A 160 25.35 7.16 9.50
CA ARG A 160 25.11 8.57 9.55
CA ARG A 160 25.17 8.61 9.54
C ARG A 160 24.33 8.76 10.85
C ARG A 160 24.33 8.88 10.79
N PRO A 161 24.97 9.32 11.88
CA PRO A 161 24.29 9.48 13.17
C PRO A 161 22.95 10.17 13.20
N ASN A 162 22.78 11.27 12.45
CA ASN A 162 21.53 12.03 12.48
C ASN A 162 20.33 11.24 11.96
N VAL A 163 20.56 10.25 11.11
CA VAL A 163 19.46 9.43 10.56
C VAL A 163 18.75 8.66 11.68
N THR A 164 19.48 8.21 12.71
CA THR A 164 18.88 7.53 13.87
C THR A 164 17.80 8.46 14.51
N VAL A 165 18.15 9.74 14.70
CA VAL A 165 17.21 10.69 15.26
C VAL A 165 16.08 10.99 14.24
N ASP A 166 16.42 11.16 12.98
CA ASP A 166 15.43 11.42 11.92
C ASP A 166 14.36 10.33 11.87
N VAL A 167 14.82 9.09 11.81
CA VAL A 167 13.88 8.00 11.68
C VAL A 167 13.09 7.79 12.96
N ALA A 168 13.77 7.75 14.09
CA ALA A 168 13.10 7.51 15.34
C ALA A 168 12.02 8.55 15.61
N SER A 169 12.30 9.82 15.33
CA SER A 169 11.34 10.89 15.56
C SER A 169 10.09 10.77 14.68
N GLN A 170 10.26 10.36 13.42
CA GLN A 170 9.14 10.21 12.50
C GLN A 170 8.27 9.01 12.85
N LEU A 171 8.89 7.95 13.34
CA LEU A 171 8.13 6.80 13.79
C LEU A 171 7.31 7.19 15.02
N VAL A 172 7.93 7.86 15.99
CA VAL A 172 7.24 8.34 17.20
C VAL A 172 6.06 9.25 16.84
N LYS A 173 6.28 10.18 15.93
CA LYS A 173 5.22 11.09 15.46
C LYS A 173 4.02 10.32 14.91
N SER A 174 4.27 9.20 14.24
CA SER A 174 3.18 8.38 13.65
C SER A 174 2.73 7.23 14.55
N ARG A 175 3.18 7.27 15.80
CA ARG A 175 2.87 6.29 16.83
C ARG A 175 3.32 4.87 16.49
N ASN A 176 4.39 4.75 15.71
CA ASN A 176 4.96 3.44 15.40
C ASN A 176 6.21 3.19 16.21
N ALA A 177 6.37 1.96 16.69
CA ALA A 177 7.61 1.59 17.38
C ALA A 177 8.61 1.25 16.26
N GLY A 178 9.90 1.21 16.57
CA GLY A 178 10.90 1.00 15.54
C GLY A 178 12.04 0.11 15.93
N VAL A 179 12.55 -0.60 14.92
CA VAL A 179 13.76 -1.41 15.08
C VAL A 179 14.70 -0.84 14.03
N LEU A 180 15.73 -0.13 14.47
CA LEU A 180 16.64 0.56 13.57
C LEU A 180 17.95 -0.16 13.49
N ARG A 181 18.53 -0.15 12.29
CA ARG A 181 19.80 -0.80 12.06
C ARG A 181 20.65 0.19 11.28
N THR A 182 21.73 0.63 11.93
CA THR A 182 22.65 1.60 11.31
C THR A 182 23.96 0.92 10.96
N GLY A 183 24.73 1.52 10.04
CA GLY A 183 26.04 1.00 9.67
C GLY A 183 26.90 0.99 10.93
N SER A 184 27.68 -0.09 11.09
CA SER A 184 28.47 -0.31 12.29
C SER A 184 29.41 0.83 12.70
N ALA A 185 29.89 1.62 11.74
CA ALA A 185 30.83 2.71 12.07
C ALA A 185 30.20 3.79 12.98
N ALA A 186 28.86 3.86 12.95
CA ALA A 186 28.14 4.86 13.72
C ALA A 186 27.39 4.29 14.90
N LEU A 187 27.60 3.00 15.20
CA LEU A 187 26.86 2.34 16.25
C LEU A 187 26.96 3.07 17.59
N LYS A 188 28.17 3.36 18.05
N LYS A 188 28.17 3.36 18.08
CA LYS A 188 28.36 4.10 19.30
CA LYS A 188 28.30 4.06 19.36
C LYS A 188 27.66 5.42 19.31
C LYS A 188 27.66 5.44 19.33
N SER A 189 27.87 6.22 18.26
CA SER A 189 27.24 7.53 18.15
C SER A 189 25.71 7.40 18.23
N ALA A 190 25.16 6.38 17.55
CA ALA A 190 23.72 6.15 17.52
C ALA A 190 23.20 5.69 18.87
N GLN A 191 23.94 4.81 19.53
CA GLN A 191 23.57 4.34 20.86
C GLN A 191 23.51 5.53 21.85
N ARG A 192 24.50 6.43 21.77
CA ARG A 192 24.51 7.59 22.65
C ARG A 192 23.31 8.50 22.41
N LEU A 193 22.93 8.72 21.15
CA LEU A 193 21.73 9.54 20.84
C LEU A 193 20.49 8.85 21.40
N LEU A 194 20.41 7.53 21.25
CA LEU A 194 19.26 6.80 21.77
C LEU A 194 19.16 6.92 23.31
N GLU A 195 20.28 6.76 23.99
CA GLU A 195 20.31 6.79 25.46
C GLU A 195 20.15 8.16 26.08
N VAL A 196 20.73 9.17 25.45
CA VAL A 196 20.74 10.52 25.99
C VAL A 196 19.69 11.48 25.45
N VAL A 197 19.29 11.32 24.19
CA VAL A 197 18.33 12.22 23.57
C VAL A 197 16.95 11.62 23.36
N ILE A 198 16.88 10.44 22.71
CA ILE A 198 15.59 9.86 22.34
C ILE A 198 14.80 9.27 23.52
N ARG A 199 15.38 8.30 24.21
CA ARG A 199 14.66 7.63 25.28
C ARG A 199 14.23 8.50 26.47
N PRO A 200 15.12 9.37 27.01
CA PRO A 200 14.65 10.20 28.14
C PRO A 200 13.51 11.14 27.77
N ALA A 201 13.48 11.59 26.52
CA ALA A 201 12.39 12.45 26.04
C ALA A 201 11.08 11.65 26.04
N LEU A 202 11.14 10.37 25.65
CA LEU A 202 9.92 9.53 25.62
C LEU A 202 9.42 9.25 27.03
N THR A 203 10.34 8.79 27.88
CA THR A 203 10.00 8.50 29.27
C THR A 203 9.35 9.72 29.94
N ASP A 204 9.95 10.89 29.72
N ASP A 204 9.93 10.90 29.76
CA ASP A 204 9.49 12.18 30.26
CA ASP A 204 9.38 12.12 30.37
C ASP A 204 8.05 12.52 29.85
C ASP A 204 7.95 12.41 29.91
N SER A 205 7.63 12.06 28.67
CA SER A 205 6.26 12.30 28.17
C SER A 205 5.32 11.14 28.44
N GLY A 206 5.74 10.19 29.28
CA GLY A 206 4.88 9.06 29.62
C GLY A 206 4.82 7.95 28.61
N ILE A 207 5.84 7.82 27.78
CA ILE A 207 5.91 6.78 26.77
C ILE A 207 7.04 5.82 27.09
N ASP A 208 6.78 4.52 26.94
CA ASP A 208 7.76 3.49 27.18
C ASP A 208 8.94 3.65 26.20
N ALA A 209 10.13 3.89 26.74
CA ALA A 209 11.33 4.16 25.91
C ALA A 209 11.73 2.98 25.03
N ASN A 210 11.22 1.80 25.35
CA ASN A 210 11.52 0.61 24.56
C ASN A 210 10.83 0.63 23.18
N VAL A 211 10.01 1.63 22.90
CA VAL A 211 9.37 1.73 21.58
C VAL A 211 10.41 2.02 20.47
N VAL A 212 11.61 2.45 20.86
CA VAL A 212 12.68 2.66 19.88
C VAL A 212 13.84 1.76 20.23
N GLN A 213 14.13 0.83 19.33
CA GLN A 213 15.20 -0.14 19.48
C GLN A 213 16.27 0.06 18.39
N LEU A 214 17.52 -0.14 18.78
CA LEU A 214 18.66 -0.04 17.87
C LEU A 214 19.38 -1.37 17.97
N VAL A 215 19.48 -2.11 16.87
CA VAL A 215 20.15 -3.42 16.89
C VAL A 215 21.59 -3.21 17.31
N PRO A 216 22.04 -3.93 18.36
CA PRO A 216 23.37 -3.70 18.93
C PRO A 216 24.46 -4.57 18.35
N ARG A 217 24.34 -4.90 17.07
CA ARG A 217 25.30 -5.77 16.42
C ARG A 217 26.10 -5.02 15.38
N PRO A 218 27.41 -5.30 15.31
CA PRO A 218 28.16 -4.67 14.24
C PRO A 218 27.91 -5.37 12.90
N GLU A 219 27.50 -6.64 12.94
CA GLU A 219 27.33 -7.46 11.70
C GLU A 219 26.32 -6.92 10.69
N ARG A 220 26.76 -6.82 9.44
CA ARG A 220 25.90 -6.36 8.33
C ARG A 220 24.70 -7.30 8.14
N GLU A 221 24.87 -8.56 8.53
CA GLU A 221 23.81 -9.57 8.45
C GLU A 221 22.53 -9.15 9.18
N ALA A 222 22.65 -8.28 10.19
CA ALA A 222 21.47 -7.78 10.89
C ALA A 222 20.44 -7.15 9.92
N ALA A 223 20.91 -6.51 8.84
CA ALA A 223 20.01 -5.89 7.83
C ALA A 223 19.12 -6.97 7.23
N GLY A 224 19.72 -8.09 6.83
CA GLY A 224 18.97 -9.21 6.27
C GLY A 224 18.03 -9.83 7.30
N ALA A 225 18.51 -9.93 8.53
CA ALA A 225 17.69 -10.48 9.63
C ALA A 225 16.42 -9.64 9.81
N LEU A 226 16.58 -8.32 9.67
CA LEU A 226 15.49 -7.35 9.84
C LEU A 226 14.32 -7.44 8.86
N VAL A 227 14.55 -8.00 7.68
CA VAL A 227 13.48 -8.17 6.67
C VAL A 227 12.94 -9.61 6.61
N ARG A 228 13.17 -10.38 7.69
CA ARG A 228 12.71 -11.76 7.78
C ARG A 228 11.75 -12.03 8.98
N LEU A 229 11.07 -11.01 9.47
CA LEU A 229 10.15 -11.16 10.60
C LEU A 229 8.74 -10.57 10.27
N PRO A 230 8.02 -11.20 9.32
CA PRO A 230 6.72 -10.68 8.88
C PRO A 230 5.66 -10.52 9.98
N ASP A 231 5.70 -11.36 11.01
CA ASP A 231 4.72 -11.26 12.10
C ASP A 231 5.08 -10.26 13.19
N LEU A 232 6.28 -9.70 13.13
CA LEU A 232 6.74 -8.73 14.13
C LEU A 232 7.01 -7.36 13.51
N VAL A 233 7.73 -7.36 12.39
CA VAL A 233 8.13 -6.14 11.68
C VAL A 233 7.68 -6.31 10.23
N PRO A 234 6.40 -5.98 9.96
CA PRO A 234 5.79 -6.20 8.63
C PRO A 234 6.21 -5.24 7.54
N LEU A 235 6.85 -4.14 7.93
CA LEU A 235 7.26 -3.09 7.01
C LEU A 235 8.63 -2.61 7.42
N VAL A 236 9.51 -2.39 6.45
CA VAL A 236 10.88 -1.96 6.71
C VAL A 236 11.25 -0.84 5.73
N ILE A 237 11.74 0.24 6.29
CA ILE A 237 12.22 1.36 5.52
C ILE A 237 13.69 1.08 5.16
N LEU A 238 13.99 1.06 3.87
CA LEU A 238 15.34 0.86 3.38
C LEU A 238 15.83 2.20 2.81
N ARG A 239 16.85 2.79 3.43
CA ARG A 239 17.37 4.09 3.00
C ARG A 239 18.52 4.08 1.98
N GLY A 240 19.07 2.92 1.69
CA GLY A 240 20.22 2.87 0.76
C GLY A 240 19.90 3.01 -0.71
N SER A 241 20.94 2.82 -1.53
CA SER A 241 20.82 2.88 -2.98
C SER A 241 21.54 1.71 -3.58
N GLY A 242 21.19 1.35 -4.80
CA GLY A 242 21.92 0.32 -5.52
C GLY A 242 21.70 -1.13 -5.13
N GLU A 243 22.69 -1.94 -5.43
CA GLU A 243 22.54 -3.39 -5.27
C GLU A 243 22.21 -3.88 -3.85
N SER A 244 22.82 -3.33 -2.83
CA SER A 244 22.59 -3.75 -1.46
C SER A 244 21.09 -3.59 -1.07
N THR A 245 20.51 -2.46 -1.45
CA THR A 245 19.11 -2.18 -1.17
C THR A 245 18.21 -3.04 -2.02
N ARG A 246 18.61 -3.25 -3.27
CA ARG A 246 17.86 -4.09 -4.20
C ARG A 246 17.81 -5.55 -3.60
N ALA A 247 18.95 -6.03 -3.07
CA ALA A 247 19.01 -7.36 -2.45
C ALA A 247 18.11 -7.49 -1.21
N LEU A 248 18.15 -6.50 -0.33
CA LEU A 248 17.28 -6.49 0.84
C LEU A 248 15.79 -6.42 0.46
N ALA A 249 15.44 -5.64 -0.56
CA ALA A 249 14.03 -5.55 -0.97
C ALA A 249 13.51 -6.91 -1.53
N LEU A 250 14.35 -7.64 -2.25
CA LEU A 250 14.00 -8.95 -2.76
C LEU A 250 13.86 -9.96 -1.61
N GLU A 251 14.82 -9.96 -0.68
CA GLU A 251 14.77 -10.85 0.49
C GLU A 251 13.49 -10.58 1.29
N ALA A 252 13.17 -9.29 1.51
CA ALA A 252 11.92 -8.93 2.18
C ALA A 252 10.71 -9.57 1.47
N ALA A 253 10.64 -9.41 0.15
CA ALA A 253 9.56 -10.01 -0.64
C ALA A 253 9.47 -11.53 -0.48
N GLN A 254 10.61 -12.21 -0.44
CA GLN A 254 10.62 -13.67 -0.31
C GLN A 254 10.26 -14.15 1.10
N HIS A 255 10.13 -13.23 2.04
CA HIS A 255 9.77 -13.57 3.41
C HIS A 255 8.44 -12.96 3.83
N GLY A 256 7.74 -12.34 2.88
CA GLY A 256 6.45 -11.74 3.15
C GLY A 256 6.53 -10.41 3.89
N VAL A 257 7.65 -9.69 3.73
CA VAL A 257 7.83 -8.39 4.39
C VAL A 257 7.77 -7.28 3.35
N ARG A 258 7.12 -6.18 3.70
CA ARG A 258 6.95 -5.08 2.77
C ARG A 258 8.03 -4.02 3.05
N THR A 259 8.37 -3.22 2.04
CA THR A 259 9.40 -2.21 2.18
C THR A 259 9.00 -0.87 1.57
N LEU A 260 9.69 0.16 2.04
CA LEU A 260 9.61 1.49 1.49
C LEU A 260 11.05 1.67 1.02
N ALA A 261 11.26 1.66 -0.30
CA ALA A 261 12.60 1.68 -0.85
C ALA A 261 12.67 2.35 -2.21
N HIS A 262 13.86 2.85 -2.54
CA HIS A 262 14.17 3.48 -3.83
C HIS A 262 15.60 3.12 -4.21
N ALA A 263 15.84 1.83 -4.40
CA ALA A 263 17.18 1.33 -4.79
C ALA A 263 17.71 2.02 -6.05
N ASP A 264 16.83 2.26 -7.01
CA ASP A 264 17.18 2.90 -8.28
C ASP A 264 16.57 4.28 -8.43
N GLY A 265 17.35 5.21 -8.92
CA GLY A 265 16.88 6.56 -9.10
C GLY A 265 17.32 7.11 -10.45
N GLY A 266 17.63 8.40 -10.49
CA GLY A 266 18.07 9.05 -11.72
C GLY A 266 16.93 9.73 -12.45
N GLY A 267 16.90 11.06 -12.37
CA GLY A 267 15.87 11.84 -13.03
C GLY A 267 16.06 11.95 -14.52
N VAL A 268 14.96 12.05 -15.24
CA VAL A 268 14.96 12.27 -16.65
C VAL A 268 14.53 13.70 -16.91
N LEU A 269 15.10 14.31 -17.96
CA LEU A 269 14.65 15.61 -18.44
C LEU A 269 14.50 15.53 -19.97
N TYR A 270 13.32 15.84 -20.46
CA TYR A 270 13.04 15.89 -21.88
C TYR A 270 12.95 17.36 -22.33
N VAL A 271 13.81 17.73 -23.26
CA VAL A 271 13.83 19.07 -23.86
C VAL A 271 12.99 18.99 -25.14
N ASP A 272 11.79 19.57 -25.07
CA ASP A 272 10.87 19.58 -26.19
C ASP A 272 11.27 20.58 -27.27
N GLU A 273 10.69 20.43 -28.47
CA GLU A 273 10.90 21.35 -29.60
C GLU A 273 10.54 22.81 -29.25
N LYS A 274 9.58 23.00 -28.36
CA LYS A 274 9.15 24.35 -27.96
C LYS A 274 9.72 24.80 -26.60
N ALA A 275 10.89 24.29 -26.24
CA ALA A 275 11.54 24.66 -24.99
C ALA A 275 12.19 26.04 -25.06
N ASP A 276 12.23 26.71 -23.90
CA ASP A 276 12.86 28.01 -23.73
C ASP A 276 14.31 27.80 -23.29
N ARG A 277 15.21 28.54 -23.95
CA ARG A 277 16.66 28.46 -23.74
C ARG A 277 17.15 28.68 -22.27
N ASP A 278 16.83 29.83 -21.67
CA ASP A 278 17.24 30.06 -20.27
C ASP A 278 16.59 29.04 -19.33
N THR A 279 15.37 28.59 -19.64
CA THR A 279 14.70 27.62 -18.77
C THR A 279 15.47 26.30 -18.78
N VAL A 280 15.89 25.89 -19.98
CA VAL A 280 16.64 24.64 -20.13
C VAL A 280 17.97 24.70 -19.39
N ARG A 281 18.66 25.83 -19.53
N ARG A 281 18.68 25.81 -19.55
CA ARG A 281 19.93 26.01 -18.87
CA ARG A 281 19.97 26.02 -18.90
C ARG A 281 19.76 25.90 -17.37
C ARG A 281 19.83 25.90 -17.40
N SER A 282 18.80 26.64 -16.84
N SER A 282 18.85 26.60 -16.84
CA SER A 282 18.53 26.61 -15.42
CA SER A 282 18.61 26.57 -15.40
C SER A 282 18.25 25.21 -14.91
C SER A 282 18.23 25.20 -14.89
N LEU A 283 17.40 24.48 -15.62
CA LEU A 283 17.01 23.10 -15.26
C LEU A 283 18.22 22.18 -15.19
N VAL A 284 19.10 22.26 -16.18
CA VAL A 284 20.27 21.43 -16.17
C VAL A 284 21.18 21.79 -14.99
N VAL A 285 21.52 23.08 -14.83
CA VAL A 285 22.39 23.50 -13.73
C VAL A 285 21.81 23.19 -12.36
N ASN A 286 20.54 23.52 -12.16
CA ASN A 286 19.87 23.30 -10.88
C ASN A 286 19.48 21.82 -10.60
N SER A 287 19.67 20.92 -11.56
CA SER A 287 19.37 19.51 -11.31
C SER A 287 20.67 18.72 -11.06
N LEU A 288 21.80 19.43 -11.03
CA LEU A 288 23.15 18.83 -10.86
C LEU A 288 23.95 19.50 -9.74
N ASP A 289 23.24 20.03 -8.75
CA ASP A 289 23.87 20.65 -7.58
C ASP A 289 24.56 19.59 -6.73
N ARG A 290 23.98 18.38 -6.68
CA ARG A 290 24.53 17.25 -5.96
C ARG A 290 24.54 16.03 -6.89
N LEU A 291 25.70 15.39 -7.05
CA LEU A 291 25.85 14.32 -8.02
C LEU A 291 25.64 12.91 -7.49
N GLY A 292 25.50 12.77 -6.18
CA GLY A 292 25.27 11.45 -5.59
C GLY A 292 23.84 11.17 -5.17
N VAL A 293 22.90 12.10 -5.43
CA VAL A 293 21.52 11.90 -4.95
C VAL A 293 20.65 11.13 -5.94
N CYS A 294 19.50 10.63 -5.49
CA CYS A 294 18.62 9.84 -6.35
C CYS A 294 17.75 10.66 -7.31
N ASN A 295 17.57 11.96 -7.05
CA ASN A 295 16.65 12.77 -7.86
C ASN A 295 17.29 13.88 -8.76
N ARG A 296 18.60 13.81 -8.95
CA ARG A 296 19.31 14.68 -9.88
C ARG A 296 19.04 14.27 -11.32
N LEU A 297 19.45 15.15 -12.24
CA LEU A 297 19.37 14.83 -13.65
C LEU A 297 20.36 13.71 -13.94
N ASN A 298 19.87 12.68 -14.63
CA ASN A 298 20.67 11.53 -15.04
C ASN A 298 20.67 11.32 -16.56
N LEU A 299 19.48 11.35 -17.14
CA LEU A 299 19.24 11.14 -18.57
C LEU A 299 18.54 12.35 -19.20
N LEU A 300 19.21 12.94 -20.17
CA LEU A 300 18.73 14.11 -20.89
C LEU A 300 18.28 13.70 -22.30
N LEU A 301 17.00 13.88 -22.61
CA LEU A 301 16.45 13.50 -23.93
C LEU A 301 16.12 14.81 -24.62
N ILE A 302 16.59 14.97 -25.85
CA ILE A 302 16.39 16.21 -26.58
C ILE A 302 15.69 15.95 -27.90
N HIS A 303 14.61 16.71 -28.14
CA HIS A 303 13.84 16.59 -29.38
C HIS A 303 14.78 16.83 -30.58
N ASP A 304 14.68 15.91 -31.55
CA ASP A 304 15.47 15.90 -32.78
C ASP A 304 15.55 17.26 -33.47
N ALA A 305 14.43 17.98 -33.55
CA ALA A 305 14.37 19.24 -34.30
C ALA A 305 15.16 20.37 -33.68
N VAL A 306 15.53 20.24 -32.41
CA VAL A 306 16.29 21.29 -31.75
C VAL A 306 17.56 20.80 -31.11
N TYR A 307 17.96 19.58 -31.44
CA TYR A 307 19.16 19.00 -30.85
C TYR A 307 20.41 19.84 -31.16
N GLU A 308 20.65 20.19 -32.42
CA GLU A 308 21.81 20.99 -32.79
C GLU A 308 21.85 22.35 -32.10
N GLU A 309 20.69 22.98 -32.02
CA GLU A 309 20.57 24.30 -31.43
C GLU A 309 20.78 24.28 -29.92
N PHE A 310 20.30 23.24 -29.26
CA PHE A 310 20.48 23.14 -27.83
C PHE A 310 21.79 22.55 -27.36
N TRP A 311 22.54 21.90 -28.26
CA TRP A 311 23.81 21.30 -27.84
C TRP A 311 24.76 22.31 -27.16
N PRO A 312 24.92 23.52 -27.72
CA PRO A 312 25.79 24.48 -27.01
C PRO A 312 25.27 24.91 -25.63
N VAL A 313 23.94 25.05 -25.48
CA VAL A 313 23.33 25.39 -24.19
C VAL A 313 23.53 24.25 -23.16
N VAL A 314 23.28 23.00 -23.56
CA VAL A 314 23.44 21.85 -22.68
C VAL A 314 24.93 21.65 -22.31
N SER A 315 25.83 21.79 -23.29
CA SER A 315 27.26 21.60 -23.06
C SER A 315 27.81 22.55 -22.03
N GLU A 316 27.45 23.83 -22.16
CA GLU A 316 27.89 24.88 -21.26
C GLU A 316 27.34 24.65 -19.87
N ALA A 317 26.06 24.27 -19.76
CA ALA A 317 25.43 24.03 -18.47
C ALA A 317 26.03 22.80 -17.74
N LEU A 318 26.34 21.74 -18.49
CA LEU A 318 27.01 20.58 -17.91
C LEU A 318 28.43 20.96 -17.44
N ALA A 319 29.20 21.65 -18.30
CA ALA A 319 30.58 22.03 -17.99
C ALA A 319 30.64 22.90 -16.74
N GLU A 320 29.61 23.72 -16.56
CA GLU A 320 29.53 24.62 -15.43
C GLU A 320 29.49 23.83 -14.14
N ARG A 321 28.92 22.62 -14.21
CA ARG A 321 28.82 21.74 -13.05
C ARG A 321 29.90 20.66 -13.01
N GLY A 322 30.93 20.78 -13.84
CA GLY A 322 31.99 19.76 -13.91
C GLY A 322 31.49 18.39 -14.37
N VAL A 323 30.40 18.37 -15.12
CA VAL A 323 29.81 17.14 -15.62
C VAL A 323 30.08 16.92 -17.13
N SER A 324 30.45 15.70 -17.49
CA SER A 324 30.69 15.36 -18.88
C SER A 324 29.48 14.64 -19.47
N PRO A 325 29.19 14.89 -20.75
CA PRO A 325 28.07 14.18 -21.36
C PRO A 325 28.50 12.79 -21.85
N SER A 326 27.57 11.85 -21.82
CA SER A 326 27.83 10.55 -22.43
C SER A 326 26.91 10.54 -23.66
N LEU A 327 27.53 10.50 -24.82
CA LEU A 327 26.85 10.52 -26.11
C LEU A 327 26.95 9.15 -26.82
N PRO A 328 26.04 8.87 -27.75
CA PRO A 328 26.14 7.59 -28.45
C PRO A 328 27.35 7.53 -29.41
N PRO A 329 27.89 6.33 -29.66
CA PRO A 329 27.48 5.04 -29.10
C PRO A 329 27.83 4.92 -27.59
N TYR A 330 26.88 4.42 -26.81
CA TYR A 330 27.05 4.28 -25.38
C TYR A 330 27.68 2.94 -25.06
N ASP A 331 28.40 2.87 -23.94
CA ASP A 331 28.96 1.62 -23.44
C ASP A 331 28.18 1.21 -22.17
N HIS A 332 26.95 1.71 -22.07
CA HIS A 332 26.12 1.46 -20.92
C HIS A 332 24.67 1.65 -21.34
N PRO A 333 23.74 1.07 -20.57
CA PRO A 333 22.31 1.24 -20.89
C PRO A 333 21.90 2.71 -20.82
N ILE A 334 20.93 3.11 -21.65
CA ILE A 334 20.53 4.51 -21.71
C ILE A 334 20.10 5.06 -20.32
N GLY A 335 19.54 4.20 -19.47
CA GLY A 335 19.11 4.59 -18.13
C GLY A 335 20.10 4.33 -17.01
N TYR A 336 21.32 3.97 -17.37
CA TYR A 336 22.38 3.67 -16.37
C TYR A 336 22.48 4.87 -15.43
N GLU A 337 22.47 4.60 -14.12
CA GLU A 337 22.44 5.65 -13.12
C GLU A 337 23.83 6.03 -12.65
N TRP A 338 24.26 7.21 -13.08
CA TRP A 338 25.60 7.72 -12.78
C TRP A 338 25.87 7.85 -11.29
N ALA A 339 24.86 8.28 -10.50
CA ALA A 339 25.01 8.41 -9.06
C ALA A 339 25.50 7.12 -8.41
N LEU A 340 25.22 5.96 -8.99
CA LEU A 340 25.68 4.68 -8.41
C LEU A 340 27.09 4.27 -8.83
N ASP A 341 27.71 5.04 -9.72
CA ASP A 341 29.04 4.74 -10.25
C ASP A 341 29.99 5.82 -9.73
N SER A 342 30.60 5.57 -8.58
N SER A 342 30.61 5.55 -8.59
CA SER A 342 31.48 6.56 -7.95
CA SER A 342 31.51 6.51 -7.94
C SER A 342 32.49 7.21 -8.89
C SER A 342 32.45 7.20 -8.93
N GLU A 343 33.20 6.39 -9.66
CA GLU A 343 34.18 6.87 -10.61
C GLU A 343 33.62 7.73 -11.77
N ARG A 344 32.40 7.47 -12.19
N ARG A 344 32.40 7.48 -12.19
CA ARG A 344 31.78 8.21 -13.30
CA ARG A 344 31.81 8.24 -13.30
C ARG A 344 30.55 9.02 -12.87
C ARG A 344 30.56 9.03 -12.88
N GLU A 345 30.46 9.40 -11.60
CA GLU A 345 29.29 10.14 -11.14
C GLU A 345 29.07 11.45 -11.87
N ALA A 346 30.17 12.11 -12.28
CA ALA A 346 30.10 13.42 -12.95
C ALA A 346 29.82 13.29 -14.45
N THR A 347 28.70 12.67 -14.75
CA THR A 347 28.29 12.36 -16.09
C THR A 347 26.78 12.46 -16.22
N VAL A 348 26.33 12.88 -17.40
CA VAL A 348 24.89 12.86 -17.76
C VAL A 348 24.76 12.28 -19.17
N THR A 349 23.82 11.35 -19.35
CA THR A 349 23.58 10.75 -20.65
C THR A 349 22.69 11.68 -21.48
N VAL A 350 23.06 11.84 -22.75
CA VAL A 350 22.35 12.69 -23.68
C VAL A 350 21.90 11.83 -24.87
N ALA A 351 20.63 11.97 -25.22
CA ALA A 351 20.00 11.22 -26.29
C ALA A 351 19.03 12.08 -27.10
N ARG A 352 19.05 11.88 -28.41
N ARG A 352 19.07 11.88 -28.41
CA ARG A 352 18.17 12.58 -29.32
CA ARG A 352 18.19 12.52 -29.36
C ARG A 352 16.90 11.72 -29.45
C ARG A 352 16.90 11.70 -29.35
N VAL A 353 15.73 12.35 -29.37
CA VAL A 353 14.46 11.62 -29.44
C VAL A 353 13.57 12.24 -30.53
N ASP A 354 12.66 11.43 -31.07
CA ASP A 354 11.77 11.87 -32.16
C ASP A 354 10.66 12.82 -31.74
N GLY A 355 10.27 12.74 -30.48
CA GLY A 355 9.16 13.56 -29.99
C GLY A 355 8.73 13.16 -28.59
N VAL A 356 7.59 13.69 -28.17
CA VAL A 356 7.07 13.45 -26.82
C VAL A 356 6.75 11.97 -26.61
N ALA A 357 6.11 11.33 -27.58
CA ALA A 357 5.75 9.91 -27.42
C ALA A 357 6.99 9.05 -27.16
N GLU A 358 8.08 9.28 -27.90
CA GLU A 358 9.28 8.46 -27.72
C GLU A 358 9.94 8.75 -26.36
N ALA A 359 9.92 10.01 -25.97
CA ALA A 359 10.47 10.44 -24.70
C ALA A 359 9.73 9.75 -23.56
N VAL A 360 8.39 9.71 -23.67
CA VAL A 360 7.56 9.06 -22.64
C VAL A 360 7.84 7.54 -22.57
N ARG A 361 7.98 6.91 -23.73
CA ARG A 361 8.25 5.44 -23.76
C ARG A 361 9.60 5.10 -23.10
N ILE A 362 10.63 5.87 -23.44
CA ILE A 362 11.96 5.65 -22.88
C ILE A 362 11.92 5.86 -21.36
N ALA A 363 11.27 6.95 -20.94
CA ALA A 363 11.16 7.22 -19.52
C ALA A 363 10.42 6.10 -18.76
N ASN A 364 9.33 5.60 -19.35
CA ASN A 364 8.54 4.58 -18.71
C ASN A 364 9.17 3.20 -18.75
N GLU A 365 9.81 2.84 -19.85
CA GLU A 365 10.31 1.48 -20.06
C GLU A 365 11.77 1.22 -19.74
N GLU A 366 12.59 2.28 -19.75
CA GLU A 366 14.04 2.16 -19.63
C GLU A 366 14.67 2.95 -18.51
N THR A 367 13.85 3.55 -17.63
CA THR A 367 14.37 4.25 -16.46
C THR A 367 13.60 3.78 -15.24
N SER A 368 14.04 4.19 -14.04
CA SER A 368 13.49 3.64 -12.79
C SER A 368 12.05 4.00 -12.47
N GLY A 369 11.55 5.09 -13.01
CA GLY A 369 10.17 5.49 -12.70
C GLY A 369 10.11 6.39 -11.49
N LEU A 370 11.25 7.00 -11.12
CA LEU A 370 11.30 7.85 -9.96
C LEU A 370 10.78 9.23 -10.32
N ALA A 371 11.40 9.90 -11.31
CA ALA A 371 10.96 11.27 -11.69
C ALA A 371 11.38 11.64 -13.09
N ALA A 372 10.51 12.36 -13.78
CA ALA A 372 10.81 12.84 -15.11
C ALA A 372 10.20 14.23 -15.28
N GLY A 373 10.93 15.05 -15.99
CA GLY A 373 10.50 16.41 -16.31
C GLY A 373 10.49 16.67 -17.81
N ILE A 374 9.71 17.69 -18.19
CA ILE A 374 9.66 18.16 -19.56
C ILE A 374 9.93 19.65 -19.51
N ALA A 375 10.80 20.13 -20.40
CA ALA A 375 11.02 21.56 -20.58
C ALA A 375 10.29 21.95 -21.88
N THR A 376 9.28 22.80 -21.78
CA THR A 376 8.54 23.27 -22.97
C THR A 376 7.67 24.48 -22.64
N GLU A 377 7.38 25.29 -23.64
CA GLU A 377 6.42 26.38 -23.47
C GLU A 377 5.06 25.96 -24.03
N ASP A 378 5.00 24.77 -24.63
CA ASP A 378 3.75 24.27 -25.24
C ASP A 378 2.94 23.47 -24.24
N ALA A 379 1.83 24.05 -23.77
CA ALA A 379 0.97 23.38 -22.79
C ALA A 379 0.44 22.02 -23.27
N ARG A 380 0.24 21.87 -24.58
CA ARG A 380 -0.28 20.59 -25.11
C ARG A 380 0.76 19.47 -25.01
N ALA A 381 2.04 19.81 -25.22
CA ALA A 381 3.14 18.86 -25.08
C ALA A 381 3.30 18.46 -23.59
N ALA A 382 3.24 19.45 -22.69
CA ALA A 382 3.30 19.21 -21.25
C ALA A 382 2.15 18.28 -20.79
N GLU A 383 0.94 18.55 -21.26
CA GLU A 383 -0.21 17.76 -20.91
C GLU A 383 -0.02 16.31 -21.34
N GLU A 384 0.48 16.14 -22.56
CA GLU A 384 0.74 14.83 -23.12
C GLU A 384 1.80 14.08 -22.30
N PHE A 385 2.85 14.80 -21.91
CA PHE A 385 3.92 14.20 -21.09
C PHE A 385 3.36 13.79 -19.71
N PHE A 386 2.56 14.69 -19.11
CA PHE A 386 1.90 14.45 -17.81
C PHE A 386 0.92 13.27 -17.92
N ASP A 387 0.13 13.18 -18.99
CA ASP A 387 -0.77 12.03 -19.19
C ASP A 387 -0.02 10.69 -19.34
N GLY A 388 1.09 10.71 -20.08
CA GLY A 388 1.85 9.49 -20.43
C GLY A 388 2.87 8.94 -19.44
N TYR A 389 3.57 9.81 -18.74
CA TYR A 389 4.64 9.41 -17.82
C TYR A 389 4.05 8.79 -16.56
N GLN A 390 4.54 7.60 -16.21
CA GLN A 390 3.98 6.83 -15.10
C GLN A 390 4.74 6.89 -13.75
N GLY A 391 5.84 7.63 -13.69
CA GLY A 391 6.66 7.73 -12.46
C GLY A 391 6.04 8.45 -11.27
N THR A 392 6.76 8.46 -10.15
CA THR A 392 6.24 8.98 -8.87
C THR A 392 6.11 10.50 -8.85
N GLY A 393 6.94 11.18 -9.63
CA GLY A 393 6.88 12.63 -9.77
C GLY A 393 7.07 13.07 -11.22
N VAL A 394 6.24 14.01 -11.66
CA VAL A 394 6.35 14.52 -13.03
C VAL A 394 6.44 16.04 -12.95
N PHE A 395 7.29 16.62 -13.80
CA PHE A 395 7.65 18.04 -13.72
C PHE A 395 7.57 18.75 -15.06
N TRP A 396 7.13 20.00 -15.00
CA TRP A 396 7.04 20.90 -16.15
C TRP A 396 7.84 22.17 -15.82
N ASN A 397 8.95 22.39 -16.53
CA ASN A 397 9.86 23.52 -16.28
C ASN A 397 10.24 23.63 -14.78
N ALA A 398 10.52 22.50 -14.17
CA ALA A 398 10.86 22.41 -12.76
C ALA A 398 11.85 21.27 -12.52
N PRO A 399 12.91 21.51 -11.73
CA PRO A 399 13.92 20.44 -11.53
C PRO A 399 13.40 19.22 -10.76
N THR A 400 13.82 18.01 -11.15
CA THR A 400 13.42 16.79 -10.45
C THR A 400 14.00 16.70 -9.03
N ARG A 401 14.98 17.56 -8.73
CA ARG A 401 15.58 17.67 -7.39
C ARG A 401 14.56 18.04 -6.32
N LEU A 402 13.42 18.59 -6.72
CA LEU A 402 12.36 18.94 -5.80
C LEU A 402 11.60 17.71 -5.27
N LEU A 403 11.87 16.51 -5.79
CA LEU A 403 11.12 15.32 -5.33
C LEU A 403 11.63 14.90 -3.98
N ASP A 404 11.01 15.46 -2.96
CA ASP A 404 11.45 15.27 -1.57
C ASP A 404 10.33 15.75 -0.68
N GLY A 405 10.08 14.99 0.38
CA GLY A 405 9.00 15.28 1.29
C GLY A 405 9.07 16.67 1.90
N PHE A 406 10.28 17.13 2.28
CA PHE A 406 10.42 18.44 2.89
C PHE A 406 10.24 19.59 1.88
N LYS A 407 10.90 19.48 0.73
CA LYS A 407 10.77 20.47 -0.32
C LYS A 407 9.32 20.61 -0.84
N LEU A 408 8.57 19.50 -0.89
CA LEU A 408 7.20 19.57 -1.40
C LEU A 408 6.15 19.84 -0.33
N LEU A 409 6.28 19.18 0.82
CA LEU A 409 5.27 19.25 1.88
C LEU A 409 5.70 19.98 3.15
N GLY A 410 6.96 20.37 3.26
CA GLY A 410 7.41 21.10 4.45
C GLY A 410 7.47 20.23 5.70
N VAL A 411 7.49 18.91 5.54
CA VAL A 411 7.66 17.99 6.68
C VAL A 411 8.77 17.01 6.28
N PRO A 412 9.50 16.45 7.27
CA PRO A 412 10.60 15.54 6.89
C PRO A 412 10.19 14.35 6.02
N GLU A 413 11.13 13.90 5.20
CA GLU A 413 10.96 12.75 4.33
C GLU A 413 11.30 11.48 5.10
N THR A 414 10.40 10.49 5.06
CA THR A 414 10.63 9.19 5.69
C THR A 414 11.54 8.30 4.79
N GLY A 415 11.42 8.48 3.48
CA GLY A 415 12.19 7.72 2.47
C GLY A 415 11.31 7.46 1.26
N ILE A 416 11.76 7.80 0.08
CA ILE A 416 10.94 7.61 -1.12
C ILE A 416 10.61 6.13 -1.38
N ASN A 417 9.36 5.86 -1.74
CA ASN A 417 8.99 4.50 -2.13
C ASN A 417 8.71 4.47 -3.62
N LEU A 418 9.58 3.76 -4.31
CA LEU A 418 9.52 3.61 -5.73
C LEU A 418 8.85 2.29 -5.98
N ASP A 419 7.57 2.37 -6.30
CA ASP A 419 6.75 1.23 -6.56
C ASP A 419 5.51 1.77 -7.28
N LYS A 420 4.67 0.89 -7.78
CA LYS A 420 3.56 1.30 -8.63
C LYS A 420 2.23 0.58 -8.30
N VAL A 421 1.93 0.48 -7.00
CA VAL A 421 0.73 -0.18 -6.52
C VAL A 421 0.12 0.68 -5.40
N PRO A 422 -1.16 0.45 -5.07
CA PRO A 422 -1.77 1.28 -4.01
C PRO A 422 -1.00 1.21 -2.71
N GLY A 423 -0.77 2.38 -2.13
CA GLY A 423 -0.03 2.52 -0.90
C GLY A 423 0.91 3.72 -1.02
N PRO A 424 1.81 3.92 -0.05
CA PRO A 424 2.75 5.05 -0.11
C PRO A 424 3.60 5.03 -1.38
N ARG A 425 3.79 6.18 -2.01
CA ARG A 425 4.53 6.23 -3.26
C ARG A 425 5.10 7.62 -3.42
N GLY A 426 6.30 7.66 -3.98
CA GLY A 426 7.02 8.88 -4.10
C GLY A 426 7.54 9.20 -2.71
N PRO A 427 7.75 10.48 -2.42
CA PRO A 427 8.16 10.86 -1.11
C PRO A 427 7.16 10.32 -0.07
N VAL A 428 7.67 9.85 1.04
CA VAL A 428 6.83 9.33 2.09
C VAL A 428 7.01 10.21 3.31
N THR A 429 5.90 10.57 3.97
CA THR A 429 5.98 11.35 5.21
C THR A 429 5.15 10.64 6.29
N TYR A 430 5.29 11.08 7.54
CA TYR A 430 4.62 10.42 8.69
C TYR A 430 3.10 10.11 8.55
N PRO A 431 2.29 10.99 7.92
CA PRO A 431 0.86 10.61 7.80
C PRO A 431 0.60 9.37 6.92
N ASP A 432 1.61 8.87 6.18
CA ASP A 432 1.43 7.67 5.35
C ASP A 432 1.56 6.39 6.16
N LEU A 433 2.19 6.48 7.34
CA LEU A 433 2.53 5.32 8.15
C LEU A 433 1.43 4.83 9.11
N TYR A 434 0.32 4.36 8.51
CA TYR A 434 -0.82 3.87 9.27
C TYR A 434 -1.55 2.79 8.45
N VAL A 435 -2.42 2.05 9.13
CA VAL A 435 -3.25 1.03 8.49
C VAL A 435 -4.68 1.40 8.82
N ARG A 436 -5.58 1.08 7.89
CA ARG A 436 -6.99 1.37 8.01
C ARG A 436 -7.73 0.34 8.85
N GLN A 437 -8.64 0.79 9.70
CA GLN A 437 -9.50 -0.12 10.47
C GLN A 437 -10.88 0.48 10.54
N TYR A 438 -11.89 -0.34 10.31
CA TYR A 438 -13.26 0.10 10.48
C TYR A 438 -13.78 -0.33 11.83
N ALA A 439 -14.60 0.51 12.43
CA ALA A 439 -15.24 0.18 13.69
C ALA A 439 -16.74 0.47 13.59
N VAL A 440 -17.55 -0.44 14.11
CA VAL A 440 -18.99 -0.29 14.13
C VAL A 440 -19.46 -0.41 15.58
N LEU A 441 -20.23 0.58 16.03
CA LEU A 441 -20.70 0.59 17.40
C LEU A 441 -22.08 1.23 17.50
N PRO A 442 -22.77 1.03 18.64
CA PRO A 442 -24.10 1.62 18.79
C PRO A 442 -24.06 3.14 18.54
N VAL A 443 -25.06 3.63 17.82
CA VAL A 443 -25.15 5.04 17.40
C VAL A 443 -25.03 6.07 18.53
N GLU A 444 -25.56 5.75 19.71
CA GLU A 444 -25.55 6.68 20.84
C GLU A 444 -24.33 6.51 21.76
N ARG A 445 -23.45 5.58 21.42
CA ARG A 445 -22.25 5.33 22.24
C ARG A 445 -21.04 6.00 21.62
N THR B 34 4.32 -27.20 -25.16
CA THR B 34 4.13 -25.73 -25.33
C THR B 34 3.56 -25.09 -24.09
N ASN B 35 3.75 -23.78 -24.01
CA ASN B 35 3.34 -22.95 -22.86
C ASN B 35 2.03 -22.19 -23.12
N GLU B 36 1.09 -22.85 -23.80
CA GLU B 36 -0.19 -22.24 -24.24
C GLU B 36 -0.96 -21.47 -23.16
N VAL B 37 -1.07 -22.04 -21.96
CA VAL B 37 -1.81 -21.38 -20.88
C VAL B 37 -1.10 -20.11 -20.44
N ALA B 38 0.16 -20.25 -20.03
CA ALA B 38 0.97 -19.08 -19.63
C ALA B 38 0.99 -18.05 -20.76
N LYS B 39 1.08 -18.54 -22.00
CA LYS B 39 1.11 -17.65 -23.16
C LYS B 39 -0.17 -16.84 -23.32
N ALA B 40 -1.32 -17.46 -23.15
CA ALA B 40 -2.60 -16.75 -23.29
C ALA B 40 -2.77 -15.63 -22.22
N VAL B 41 -2.27 -15.88 -21.01
CA VAL B 41 -2.39 -14.89 -19.91
C VAL B 41 -1.53 -13.66 -20.21
N GLU B 42 -0.29 -13.88 -20.64
CA GLU B 42 0.61 -12.78 -21.01
C GLU B 42 0.02 -11.97 -22.17
N GLU B 43 -0.53 -12.65 -23.16
CA GLU B 43 -1.15 -11.97 -24.32
C GLU B 43 -2.28 -11.04 -23.85
N CYS B 44 -3.18 -11.56 -23.02
CA CYS B 44 -4.27 -10.73 -22.44
C CYS B 44 -3.69 -9.51 -21.71
N ALA B 45 -2.66 -9.74 -20.90
CA ALA B 45 -2.05 -8.62 -20.14
C ALA B 45 -1.47 -7.53 -21.06
N ARG B 46 -0.72 -7.92 -22.08
CA ARG B 46 -0.14 -6.94 -23.01
C ARG B 46 -1.22 -6.16 -23.73
N ALA B 47 -2.30 -6.83 -24.12
CA ALA B 47 -3.41 -6.17 -24.78
C ALA B 47 -4.11 -5.18 -23.84
N ALA B 48 -4.30 -5.57 -22.59
CA ALA B 48 -4.89 -4.65 -21.61
C ALA B 48 -4.00 -3.41 -21.41
N LYS B 49 -2.70 -3.64 -21.28
CA LYS B 49 -1.74 -2.56 -21.03
C LYS B 49 -1.72 -1.54 -22.18
N SER B 50 -1.75 -2.04 -23.42
N SER B 50 -1.74 -2.03 -23.42
CA SER B 50 -1.74 -1.16 -24.59
CA SER B 50 -1.74 -1.14 -24.59
C SER B 50 -3.00 -0.31 -24.68
C SER B 50 -3.00 -0.29 -24.67
N ALA B 51 -4.13 -0.86 -24.26
CA ALA B 51 -5.40 -0.13 -24.30
C ALA B 51 -5.65 0.79 -23.12
N ALA B 52 -4.96 0.55 -21.99
CA ALA B 52 -5.18 1.30 -20.71
C ALA B 52 -5.22 2.84 -20.77
N PRO B 53 -4.32 3.47 -21.55
CA PRO B 53 -4.34 4.93 -21.72
C PRO B 53 -5.71 5.47 -22.15
N SER B 54 -6.46 4.67 -22.89
CA SER B 54 -7.79 5.09 -23.34
C SER B 54 -8.73 5.29 -22.14
N LEU B 55 -8.61 4.39 -21.18
CA LEU B 55 -9.45 4.46 -20.00
C LEU B 55 -8.94 5.56 -19.07
N SER B 56 -7.62 5.67 -18.91
CA SER B 56 -7.02 6.68 -18.05
C SER B 56 -7.45 8.13 -18.44
N GLY B 57 -7.53 8.39 -19.73
CA GLY B 57 -7.89 9.72 -20.24
C GLY B 57 -9.37 9.98 -20.43
N ALA B 58 -10.23 9.00 -20.12
CA ALA B 58 -11.68 9.17 -20.29
C ALA B 58 -12.26 10.07 -19.19
N PRO B 59 -13.16 10.99 -19.57
CA PRO B 59 -13.78 11.87 -18.56
C PRO B 59 -14.83 11.12 -17.72
N ASP B 60 -15.18 11.67 -16.56
CA ASP B 60 -16.16 11.05 -15.66
C ASP B 60 -17.47 10.70 -16.36
N THR B 61 -18.00 11.61 -17.17
CA THR B 61 -19.26 11.36 -17.88
C THR B 61 -19.22 10.11 -18.76
N ALA B 62 -18.08 9.85 -19.40
CA ALA B 62 -17.93 8.69 -20.27
C ALA B 62 -17.85 7.38 -19.49
N ILE B 63 -17.13 7.39 -18.38
CA ILE B 63 -17.02 6.22 -17.53
C ILE B 63 -18.43 5.86 -17.01
N ASP B 64 -19.15 6.86 -16.52
CA ASP B 64 -20.49 6.63 -15.98
C ASP B 64 -21.49 6.19 -17.06
N ALA B 65 -21.39 6.79 -18.26
CA ALA B 65 -22.26 6.41 -19.39
C ALA B 65 -21.99 4.95 -19.78
N ALA B 66 -20.73 4.52 -19.75
CA ALA B 66 -20.41 3.12 -20.10
C ALA B 66 -21.06 2.16 -19.08
N LEU B 67 -20.99 2.51 -17.81
CA LEU B 67 -21.61 1.66 -16.75
C LEU B 67 -23.13 1.61 -16.88
N GLU B 68 -23.76 2.76 -17.14
CA GLU B 68 -25.23 2.81 -17.35
C GLU B 68 -25.61 1.94 -18.57
N SER B 69 -24.83 2.08 -19.63
CA SER B 69 -25.07 1.34 -20.85
C SER B 69 -24.92 -0.18 -20.65
N ALA B 71 -25.70 -1.80 -18.01
CA ALA B 71 -26.96 -2.15 -17.34
C ALA B 71 -28.08 -2.33 -18.37
N ASP B 72 -28.23 -1.33 -19.25
CA ASP B 72 -29.24 -1.37 -20.32
C ASP B 72 -29.04 -2.58 -21.24
N ARG B 73 -27.79 -2.87 -21.60
CA ARG B 73 -27.48 -3.98 -22.52
C ARG B 73 -27.73 -5.35 -21.89
N LEU B 74 -27.46 -5.46 -20.59
CA LEU B 74 -27.63 -6.71 -19.87
C LEU B 74 -29.11 -7.09 -19.89
N LEU B 75 -29.96 -6.09 -19.66
CA LEU B 75 -31.40 -6.31 -19.62
C LEU B 75 -31.97 -6.43 -21.04
N ALA B 76 -31.45 -5.64 -21.97
CA ALA B 76 -31.91 -5.71 -23.36
C ALA B 76 -31.50 -7.02 -24.04
N HIS B 77 -30.33 -7.58 -23.67
CA HIS B 77 -29.85 -8.84 -24.28
C HIS B 77 -29.98 -10.08 -23.39
N ARG B 78 -30.99 -10.07 -22.52
CA ARG B 78 -31.30 -11.21 -21.65
C ARG B 78 -31.22 -12.54 -22.38
N ASP B 79 -31.97 -12.67 -23.48
CA ASP B 79 -32.04 -13.93 -24.23
C ASP B 79 -30.67 -14.50 -24.58
N ALA B 80 -29.80 -13.67 -25.16
CA ALA B 80 -28.44 -14.08 -25.54
C ALA B 80 -27.59 -14.48 -24.33
N VAL B 81 -27.59 -13.65 -23.30
CA VAL B 81 -26.82 -13.95 -22.08
C VAL B 81 -27.29 -15.24 -21.44
N LEU B 82 -28.60 -15.38 -21.25
CA LEU B 82 -29.14 -16.60 -20.62
C LEU B 82 -28.92 -17.85 -21.47
N ALA B 83 -28.95 -17.68 -22.80
CA ALA B 83 -28.69 -18.81 -23.72
C ALA B 83 -27.26 -19.32 -23.52
N ALA B 84 -26.30 -18.41 -23.44
CA ALA B 84 -24.89 -18.78 -23.19
C ALA B 84 -24.78 -19.54 -21.88
N ASN B 85 -25.47 -19.02 -20.86
CA ASN B 85 -25.44 -19.63 -19.55
C ASN B 85 -26.06 -21.03 -19.57
N ALA B 86 -27.14 -21.21 -20.33
CA ALA B 86 -27.81 -22.51 -20.47
C ALA B 86 -26.83 -23.58 -20.98
N GLU B 87 -25.94 -23.19 -21.89
CA GLU B 87 -24.95 -24.12 -22.43
C GLU B 87 -23.89 -24.50 -21.39
N ASP B 88 -23.51 -23.54 -20.54
CA ASP B 88 -22.55 -23.81 -19.45
C ASP B 88 -23.17 -24.76 -18.43
N ILE B 89 -24.42 -24.48 -18.08
CA ILE B 89 -25.18 -25.29 -17.12
C ILE B 89 -25.35 -26.72 -17.62
N ALA B 90 -25.71 -26.87 -18.89
CA ALA B 90 -25.87 -28.19 -19.51
C ALA B 90 -24.54 -28.94 -19.53
N LYS B 91 -23.47 -28.20 -19.80
CA LYS B 91 -22.12 -28.77 -19.87
C LYS B 91 -21.62 -29.19 -18.48
N ALA B 92 -21.93 -28.40 -17.46
CA ALA B 92 -21.53 -28.70 -16.09
C ALA B 92 -22.24 -29.93 -15.54
N GLU B 93 -23.52 -30.08 -15.90
CA GLU B 93 -24.32 -31.24 -15.45
C GLU B 93 -23.79 -32.54 -16.04
N ALA B 94 -23.39 -32.49 -17.31
CA ALA B 94 -22.84 -33.66 -18.00
C ALA B 94 -21.49 -34.08 -17.41
N GLY B 95 -20.83 -33.17 -16.69
CA GLY B 95 -19.54 -33.45 -16.05
C GLY B 95 -19.69 -33.80 -14.58
N GLY B 96 -20.93 -33.83 -14.10
CA GLY B 96 -21.23 -34.18 -12.72
C GLY B 96 -20.87 -33.13 -11.69
N SER B 98 -21.63 -30.43 -8.68
CA SER B 98 -22.54 -30.48 -7.54
C SER B 98 -23.68 -29.46 -7.67
N ALA B 99 -24.82 -29.76 -7.06
CA ALA B 99 -26.00 -28.87 -7.11
C ALA B 99 -25.74 -27.48 -6.52
N GLY B 100 -24.78 -27.37 -5.59
CA GLY B 100 -24.43 -26.09 -4.97
C GLY B 100 -23.58 -25.22 -5.89
N LEU B 101 -22.70 -25.86 -6.65
CA LEU B 101 -21.83 -25.15 -7.58
C LEU B 101 -22.62 -24.82 -8.86
N LEU B 102 -23.63 -25.62 -9.19
CA LEU B 102 -24.51 -25.34 -10.32
C LEU B 102 -25.31 -24.09 -9.99
N ASP B 103 -25.65 -23.93 -8.71
CA ASP B 103 -26.42 -22.78 -8.26
C ASP B 103 -25.60 -21.51 -8.51
N ARG B 104 -24.30 -21.58 -8.22
CA ARG B 104 -23.41 -20.43 -8.41
C ARG B 104 -23.12 -20.12 -9.87
N LEU B 105 -23.15 -21.16 -10.71
CA LEU B 105 -22.96 -20.99 -12.14
C LEU B 105 -24.21 -20.41 -12.81
N THR B 106 -25.37 -20.79 -12.29
CA THR B 106 -26.68 -20.40 -12.87
C THR B 106 -27.10 -18.94 -12.68
N ILE B 107 -27.36 -18.25 -13.80
CA ILE B 107 -27.85 -16.87 -13.79
C ILE B 107 -29.38 -16.89 -13.80
N THR B 108 -29.99 -16.49 -12.70
CA THR B 108 -31.45 -16.43 -12.58
C THR B 108 -31.92 -15.01 -12.91
N GLU B 109 -33.23 -14.79 -12.99
CA GLU B 109 -33.76 -13.46 -13.27
C GLU B 109 -33.33 -12.49 -12.16
N SER B 110 -33.45 -12.95 -10.91
N SER B 110 -33.44 -12.95 -10.92
CA SER B 110 -33.04 -12.17 -9.74
CA SER B 110 -33.06 -12.15 -9.75
C SER B 110 -31.62 -11.67 -9.86
C SER B 110 -31.61 -11.67 -9.84
N ARG B 111 -30.70 -12.59 -10.14
CA ARG B 111 -29.28 -12.26 -10.26
C ARG B 111 -28.99 -11.37 -11.47
N LEU B 112 -29.83 -11.48 -12.51
CA LEU B 112 -29.68 -10.66 -13.71
C LEU B 112 -30.05 -9.22 -13.39
N THR B 113 -31.17 -9.04 -12.69
CA THR B 113 -31.63 -7.71 -12.28
C THR B 113 -30.74 -7.14 -11.17
N ASP B 114 -30.18 -8.00 -10.31
CA ASP B 114 -29.23 -7.57 -9.28
C ASP B 114 -27.99 -6.98 -9.96
N ALA B 116 -27.68 -5.58 -12.93
CA ALA B 116 -28.02 -4.28 -13.54
C ALA B 116 -28.19 -3.18 -12.51
N ASP B 117 -28.84 -3.51 -11.39
CA ASP B 117 -29.02 -2.52 -10.31
C ASP B 117 -27.66 -2.11 -9.75
N GLN B 118 -26.74 -3.06 -9.57
CA GLN B 118 -25.42 -2.72 -9.05
C GLN B 118 -24.62 -1.87 -10.07
N LEU B 119 -24.78 -2.14 -11.36
CA LEU B 119 -24.10 -1.33 -12.37
C LEU B 119 -24.56 0.12 -12.31
N ARG B 120 -25.87 0.35 -12.11
CA ARG B 120 -26.40 1.72 -12.06
C ARG B 120 -25.97 2.45 -10.79
N LEU B 121 -25.89 1.71 -9.68
CA LEU B 121 -25.40 2.27 -8.42
C LEU B 121 -23.94 2.73 -8.62
N LEU B 122 -23.13 1.86 -9.21
CA LEU B 122 -21.72 2.17 -9.46
C LEU B 122 -21.57 3.40 -10.39
N ALA B 123 -22.42 3.49 -11.43
CA ALA B 123 -22.39 4.62 -12.36
C ALA B 123 -22.68 5.95 -11.67
N GLY B 124 -23.57 5.95 -10.69
CA GLY B 124 -23.89 7.17 -9.94
C GLY B 124 -22.93 7.50 -8.80
N ALA B 125 -22.04 6.58 -8.44
CA ALA B 125 -21.07 6.80 -7.34
C ALA B 125 -20.06 7.93 -7.69
N PRO B 126 -19.57 8.66 -6.67
CA PRO B 126 -18.66 9.78 -6.94
C PRO B 126 -17.27 9.43 -7.47
N HIS B 127 -16.69 10.38 -8.20
CA HIS B 127 -15.32 10.28 -8.71
C HIS B 127 -14.48 11.23 -7.87
N PRO B 128 -13.52 10.70 -7.11
CA PRO B 128 -12.67 11.63 -6.37
C PRO B 128 -11.91 12.55 -7.32
N GLN B 129 -11.58 13.76 -6.88
N GLN B 129 -11.55 13.75 -6.85
CA GLN B 129 -10.82 14.68 -7.72
CA GLN B 129 -10.77 14.68 -7.67
C GLN B 129 -9.41 14.12 -7.97
C GLN B 129 -9.40 14.08 -7.97
N ARG B 130 -9.08 13.98 -9.26
CA ARG B 130 -7.82 13.40 -9.71
C ARG B 130 -6.60 14.35 -9.66
N THR B 131 -6.83 15.63 -9.42
CA THR B 131 -5.74 16.60 -9.26
C THR B 131 -6.11 17.61 -8.16
N VAL B 132 -5.34 17.63 -7.09
CA VAL B 132 -5.60 18.55 -5.99
C VAL B 132 -4.42 19.48 -5.88
N GLU B 133 -4.71 20.78 -5.91
CA GLU B 133 -3.67 21.76 -5.80
C GLU B 133 -3.25 21.80 -4.34
N LEU B 134 -1.95 21.70 -4.07
CA LEU B 134 -1.47 21.73 -2.68
C LEU B 134 -0.99 23.11 -2.25
N SER B 135 -0.08 23.68 -3.02
CA SER B 135 0.47 24.98 -2.69
C SER B 135 1.44 25.44 -3.76
N THR B 136 1.87 26.69 -3.60
CA THR B 136 2.88 27.26 -4.45
C THR B 136 4.19 26.84 -3.84
N LEU B 137 5.23 26.83 -4.64
CA LEU B 137 6.56 26.54 -4.16
C LEU B 137 7.47 27.69 -4.58
N ASP B 138 8.65 27.75 -3.98
CA ASP B 138 9.62 28.76 -4.36
C ASP B 138 10.01 28.62 -5.84
N GLY B 139 10.37 29.74 -6.46
CA GLY B 139 10.80 29.76 -7.85
C GLY B 139 9.69 29.92 -8.87
N GLY B 140 8.52 30.44 -8.44
CA GLY B 140 7.37 30.60 -9.32
C GLY B 140 6.73 29.28 -9.75
N LEU B 141 6.71 28.32 -8.83
CA LEU B 141 6.18 26.99 -9.12
C LEU B 141 5.00 26.62 -8.24
N ARG B 142 4.31 25.53 -8.60
CA ARG B 142 3.17 25.05 -7.78
C ARG B 142 3.11 23.54 -7.82
N LEU B 143 2.54 22.98 -6.75
CA LEU B 143 2.48 21.54 -6.56
C LEU B 143 1.07 21.04 -6.58
N VAL B 144 0.90 19.89 -7.21
N VAL B 144 0.87 19.90 -7.23
CA VAL B 144 -0.37 19.21 -7.33
CA VAL B 144 -0.42 19.24 -7.26
C VAL B 144 -0.17 17.74 -6.92
C VAL B 144 -0.20 17.75 -6.93
N GLU B 145 -1.17 17.14 -6.27
CA GLU B 145 -1.13 15.72 -5.93
C GLU B 145 -2.16 15.09 -6.87
N ARG B 146 -1.71 14.13 -7.66
CA ARG B 146 -2.57 13.48 -8.65
C ARG B 146 -2.89 12.04 -8.26
N ARG B 147 -4.03 11.55 -8.70
CA ARG B 147 -4.39 10.15 -8.53
C ARG B 147 -4.24 9.56 -9.92
N ARG B 148 -3.45 8.49 -10.05
CA ARG B 148 -3.27 7.81 -11.31
C ARG B 148 -3.78 6.37 -11.18
N PRO B 149 -4.20 5.76 -12.29
CA PRO B 149 -4.64 4.38 -12.18
C PRO B 149 -3.47 3.45 -11.89
N VAL B 150 -3.73 2.25 -11.40
CA VAL B 150 -2.66 1.29 -11.18
C VAL B 150 -2.10 0.85 -12.55
N GLY B 151 -2.99 0.70 -13.52
CA GLY B 151 -2.62 0.30 -14.89
C GLY B 151 -3.46 -0.88 -15.28
N VAL B 152 -2.89 -2.07 -15.08
CA VAL B 152 -3.57 -3.33 -15.33
C VAL B 152 -3.69 -4.07 -13.98
N ILE B 153 -4.91 -4.45 -13.62
CA ILE B 153 -5.17 -5.21 -12.40
C ILE B 153 -5.75 -6.58 -12.79
N GLY B 154 -5.21 -7.63 -12.21
CA GLY B 154 -5.71 -8.98 -12.46
C GLY B 154 -6.77 -9.34 -11.45
N ALA B 155 -7.59 -10.33 -11.81
CA ALA B 155 -8.62 -10.84 -10.90
C ALA B 155 -8.86 -12.34 -11.15
N ASN B 156 -8.84 -13.10 -10.06
CA ASN B 156 -9.12 -14.54 -10.09
C ASN B 156 -10.33 -14.78 -9.21
N TYR B 157 -11.31 -15.50 -9.75
CA TYR B 157 -12.56 -15.78 -9.05
C TYR B 157 -13.22 -17.05 -9.56
N GLU B 158 -14.28 -17.47 -8.85
N GLU B 158 -14.26 -17.48 -8.84
CA GLU B 158 -15.02 -18.70 -9.16
CA GLU B 158 -15.02 -18.71 -9.17
C GLU B 158 -15.87 -18.60 -10.42
C GLU B 158 -15.87 -18.61 -10.42
N ALA B 159 -16.43 -19.75 -10.84
CA ALA B 159 -17.29 -19.84 -12.01
C ALA B 159 -18.67 -19.29 -11.70
N ARG B 160 -18.74 -17.97 -11.55
CA ARG B 160 -19.98 -17.28 -11.24
C ARG B 160 -20.02 -16.16 -12.25
N PRO B 161 -20.90 -16.25 -13.27
CA PRO B 161 -20.96 -15.26 -14.33
C PRO B 161 -21.03 -13.80 -13.90
N ASN B 162 -21.85 -13.50 -12.89
CA ASN B 162 -22.01 -12.12 -12.42
C ASN B 162 -20.71 -11.48 -11.92
N VAL B 163 -19.77 -12.29 -11.43
CA VAL B 163 -18.50 -11.74 -10.93
C VAL B 163 -17.68 -11.07 -12.07
N THR B 164 -17.81 -11.59 -13.29
CA THR B 164 -17.10 -11.00 -14.43
C THR B 164 -17.51 -9.52 -14.62
N VAL B 165 -18.82 -9.27 -14.54
CA VAL B 165 -19.38 -7.93 -14.69
C VAL B 165 -19.04 -7.05 -13.48
N ASP B 166 -19.19 -7.61 -12.28
CA ASP B 166 -18.86 -6.89 -11.05
C ASP B 166 -17.42 -6.39 -11.10
N VAL B 167 -16.48 -7.30 -11.35
CA VAL B 167 -15.05 -6.95 -11.38
C VAL B 167 -14.73 -6.00 -12.53
N ALA B 168 -15.16 -6.35 -13.73
CA ALA B 168 -14.94 -5.50 -14.89
C ALA B 168 -15.43 -4.08 -14.62
N SER B 169 -16.66 -3.96 -14.12
CA SER B 169 -17.25 -2.64 -13.84
C SER B 169 -16.50 -1.81 -12.80
N GLN B 170 -16.00 -2.47 -11.74
CA GLN B 170 -15.23 -1.77 -10.72
C GLN B 170 -13.87 -1.27 -11.24
N LEU B 171 -13.22 -2.06 -12.07
CA LEU B 171 -11.95 -1.65 -12.66
C LEU B 171 -12.20 -0.46 -13.62
N VAL B 172 -13.25 -0.56 -14.44
CA VAL B 172 -13.60 0.53 -15.35
C VAL B 172 -13.86 1.83 -14.59
N LYS B 173 -14.67 1.76 -13.52
CA LYS B 173 -14.98 2.93 -12.69
C LYS B 173 -13.73 3.60 -12.14
N SER B 174 -12.71 2.80 -11.86
CA SER B 174 -11.44 3.30 -11.31
C SER B 174 -10.34 3.48 -12.37
N ARG B 175 -10.75 3.44 -13.65
CA ARG B 175 -9.83 3.63 -14.80
C ARG B 175 -8.66 2.65 -14.90
N ASN B 176 -8.88 1.44 -14.41
CA ASN B 176 -7.91 0.36 -14.50
C ASN B 176 -8.36 -0.66 -15.54
N ALA B 177 -7.43 -1.12 -16.36
CA ALA B 177 -7.72 -2.16 -17.31
C ALA B 177 -7.66 -3.44 -16.48
N GLY B 178 -8.18 -4.54 -17.01
CA GLY B 178 -8.16 -5.77 -16.27
C GLY B 178 -7.89 -7.04 -17.04
N VAL B 179 -7.32 -8.01 -16.36
CA VAL B 179 -7.13 -9.36 -16.91
C VAL B 179 -7.90 -10.25 -15.93
N LEU B 180 -9.06 -10.71 -16.37
CA LEU B 180 -9.94 -11.52 -15.56
C LEU B 180 -9.78 -13.01 -15.84
N ARG B 181 -9.81 -13.80 -14.78
CA ARG B 181 -9.71 -15.25 -14.85
C ARG B 181 -10.87 -15.87 -14.05
N THR B 182 -11.81 -16.49 -14.76
CA THR B 182 -12.99 -17.10 -14.14
C THR B 182 -12.87 -18.61 -14.16
N GLY B 183 -13.58 -19.26 -13.24
CA GLY B 183 -13.63 -20.72 -13.22
C GLY B 183 -14.06 -21.16 -14.62
N SER B 184 -13.46 -22.23 -15.13
CA SER B 184 -13.73 -22.66 -16.49
C SER B 184 -15.19 -23.03 -16.77
N ALA B 185 -15.93 -23.48 -15.75
CA ALA B 185 -17.33 -23.87 -15.97
C ALA B 185 -18.20 -22.69 -16.44
N ALA B 186 -17.74 -21.47 -16.19
CA ALA B 186 -18.46 -20.24 -16.56
C ALA B 186 -17.86 -19.47 -17.73
N LEU B 187 -16.89 -20.05 -18.46
CA LEU B 187 -16.25 -19.33 -19.59
C LEU B 187 -17.20 -18.76 -20.65
N LYS B 188 -18.10 -19.60 -21.14
CA LYS B 188 -19.01 -19.19 -22.20
C LYS B 188 -19.91 -18.05 -21.72
N SER B 189 -20.44 -18.19 -20.51
CA SER B 189 -21.26 -17.14 -19.93
C SER B 189 -20.46 -15.82 -19.83
N ALA B 190 -19.24 -15.91 -19.32
CA ALA B 190 -18.40 -14.74 -19.12
C ALA B 190 -18.01 -14.11 -20.47
N GLN B 191 -17.66 -14.95 -21.44
CA GLN B 191 -17.31 -14.45 -22.77
C GLN B 191 -18.50 -13.77 -23.44
N ARG B 192 -19.73 -14.29 -23.25
CA ARG B 192 -20.89 -13.64 -23.87
C ARG B 192 -21.14 -12.29 -23.20
N LEU B 193 -20.97 -12.23 -21.88
CA LEU B 193 -21.12 -10.98 -21.16
C LEU B 193 -20.09 -9.98 -21.64
N LEU B 194 -18.86 -10.44 -21.82
CA LEU B 194 -17.80 -9.53 -22.31
C LEU B 194 -18.17 -8.99 -23.71
N GLU B 195 -18.58 -9.89 -24.59
CA GLU B 195 -18.92 -9.53 -25.97
C GLU B 195 -20.17 -8.67 -26.19
N VAL B 196 -21.25 -8.99 -25.48
N VAL B 196 -21.27 -8.98 -25.50
CA VAL B 196 -22.54 -8.31 -25.68
CA VAL B 196 -22.52 -8.24 -25.74
C VAL B 196 -22.84 -7.19 -24.68
C VAL B 196 -22.84 -7.17 -24.69
N VAL B 197 -22.26 -7.25 -23.49
CA VAL B 197 -22.53 -6.27 -22.46
C VAL B 197 -21.39 -5.30 -22.18
N ILE B 198 -20.23 -5.84 -21.81
CA ILE B 198 -19.11 -5.01 -21.39
C ILE B 198 -18.47 -4.18 -22.51
N ARG B 199 -18.03 -4.85 -23.57
CA ARG B 199 -17.29 -4.16 -24.60
C ARG B 199 -18.07 -3.15 -25.45
N PRO B 200 -19.29 -3.49 -25.90
CA PRO B 200 -20.01 -2.49 -26.69
C PRO B 200 -20.27 -1.21 -25.90
N ALA B 201 -20.51 -1.35 -24.60
CA ALA B 201 -20.75 -0.21 -23.74
C ALA B 201 -19.50 0.69 -23.68
N LEU B 202 -18.33 0.08 -23.58
CA LEU B 202 -17.07 0.85 -23.52
C LEU B 202 -16.87 1.61 -24.84
N THR B 203 -16.97 0.87 -25.94
CA THR B 203 -16.80 1.44 -27.27
C THR B 203 -17.75 2.61 -27.52
N ASP B 204 -19.03 2.46 -27.20
N ASP B 204 -19.02 2.45 -27.17
CA ASP B 204 -19.99 3.54 -27.39
CA ASP B 204 -20.01 3.51 -27.38
C ASP B 204 -19.64 4.79 -26.57
C ASP B 204 -19.64 4.78 -26.58
N SER B 205 -18.94 4.59 -25.46
CA SER B 205 -18.51 5.70 -24.59
C SER B 205 -17.14 6.25 -24.96
N GLY B 206 -16.55 5.70 -26.02
CA GLY B 206 -15.28 6.19 -26.51
C GLY B 206 -14.08 5.63 -25.80
N ILE B 207 -14.21 4.41 -25.30
CA ILE B 207 -13.13 3.73 -24.59
C ILE B 207 -12.76 2.48 -25.36
N ASP B 208 -11.46 2.25 -25.52
CA ASP B 208 -10.94 1.06 -26.20
C ASP B 208 -11.42 -0.20 -25.43
N ALA B 209 -12.25 -1.00 -26.08
CA ALA B 209 -12.84 -2.18 -25.42
C ALA B 209 -11.84 -3.26 -25.00
N ASN B 210 -10.61 -3.18 -25.49
CA ASN B 210 -9.58 -4.12 -25.09
C ASN B 210 -9.08 -3.88 -23.65
N VAL B 211 -9.57 -2.83 -22.99
CA VAL B 211 -9.18 -2.59 -21.59
C VAL B 211 -9.72 -3.68 -20.66
N VAL B 212 -10.70 -4.48 -21.10
CA VAL B 212 -11.17 -5.63 -20.31
C VAL B 212 -10.84 -6.93 -21.10
N GLN B 213 -10.01 -7.76 -20.48
CA GLN B 213 -9.58 -9.03 -21.06
C GLN B 213 -10.08 -10.17 -20.17
N LEU B 214 -10.43 -11.29 -20.79
CA LEU B 214 -10.87 -12.48 -20.10
C LEU B 214 -9.99 -13.61 -20.61
N VAL B 215 -9.26 -14.28 -19.71
CA VAL B 215 -8.38 -15.38 -20.10
C VAL B 215 -9.27 -16.45 -20.75
N PRO B 216 -8.97 -16.84 -21.99
CA PRO B 216 -9.78 -17.84 -22.70
C PRO B 216 -9.39 -19.31 -22.48
N ARG B 217 -8.75 -19.62 -21.36
CA ARG B 217 -8.29 -20.97 -21.08
C ARG B 217 -9.12 -21.68 -20.03
N PRO B 218 -9.46 -22.95 -20.28
CA PRO B 218 -10.18 -23.66 -19.24
C PRO B 218 -9.25 -24.09 -18.11
N GLU B 219 -7.95 -24.21 -18.41
CA GLU B 219 -6.96 -24.70 -17.45
C GLU B 219 -6.86 -23.88 -16.17
N ARG B 220 -7.02 -24.55 -15.03
CA ARG B 220 -6.88 -23.93 -13.71
C ARG B 220 -5.49 -23.33 -13.51
N GLU B 221 -4.48 -23.87 -14.21
CA GLU B 221 -3.09 -23.34 -14.17
C GLU B 221 -3.04 -21.84 -14.54
N ALA B 222 -4.01 -21.38 -15.30
CA ALA B 222 -4.09 -19.94 -15.68
C ALA B 222 -4.03 -19.02 -14.45
N ALA B 223 -4.67 -19.42 -13.35
CA ALA B 223 -4.66 -18.62 -12.10
C ALA B 223 -3.25 -18.37 -11.60
N GLY B 224 -2.42 -19.41 -11.63
CA GLY B 224 -1.03 -19.32 -11.20
C GLY B 224 -0.22 -18.41 -12.09
N ALA B 225 -0.41 -18.55 -13.41
CA ALA B 225 0.28 -17.71 -14.38
C ALA B 225 -0.06 -16.23 -14.20
N LEU B 226 -1.27 -15.97 -13.70
CA LEU B 226 -1.71 -14.59 -13.51
C LEU B 226 -1.00 -13.83 -12.38
N VAL B 227 -0.41 -14.56 -11.42
CA VAL B 227 0.26 -13.95 -10.28
C VAL B 227 1.79 -14.00 -10.45
N ARG B 228 2.24 -14.20 -11.68
CA ARG B 228 3.67 -14.31 -12.00
C ARG B 228 4.13 -13.31 -13.07
N LEU B 229 3.41 -12.20 -13.23
CA LEU B 229 3.74 -11.17 -14.23
C LEU B 229 3.89 -9.78 -13.59
N PRO B 230 4.86 -9.62 -12.66
CA PRO B 230 5.06 -8.34 -11.95
C PRO B 230 5.22 -7.10 -12.83
N ASP B 231 5.82 -7.24 -14.01
CA ASP B 231 6.01 -6.10 -14.92
C ASP B 231 4.73 -5.70 -15.69
N LEU B 232 3.78 -6.62 -15.81
CA LEU B 232 2.53 -6.37 -16.55
C LEU B 232 1.28 -6.22 -15.69
N VAL B 233 1.17 -7.07 -14.66
CA VAL B 233 0.00 -7.11 -13.78
C VAL B 233 0.53 -7.11 -12.35
N PRO B 234 0.83 -5.90 -11.81
CA PRO B 234 1.46 -5.75 -10.50
C PRO B 234 0.55 -6.03 -9.33
N LEU B 235 -0.76 -5.98 -9.57
CA LEU B 235 -1.76 -6.21 -8.53
C LEU B 235 -2.82 -7.19 -9.03
N VAL B 236 -3.15 -8.18 -8.19
CA VAL B 236 -4.15 -9.17 -8.51
C VAL B 236 -5.16 -9.34 -7.36
N ILE B 237 -6.45 -9.23 -7.71
CA ILE B 237 -7.55 -9.44 -6.78
C ILE B 237 -7.81 -10.94 -6.75
N LEU B 238 -7.75 -11.53 -5.56
CA LEU B 238 -8.04 -12.95 -5.39
C LEU B 238 -9.35 -13.04 -4.57
N ARG B 239 -10.37 -13.64 -5.16
CA ARG B 239 -11.69 -13.71 -4.52
C ARG B 239 -11.96 -14.95 -3.73
N GLY B 240 -11.11 -15.95 -3.88
CA GLY B 240 -11.32 -17.22 -3.19
C GLY B 240 -11.11 -17.28 -1.68
N SER B 241 -11.36 -18.46 -1.12
CA SER B 241 -11.19 -18.75 0.30
C SER B 241 -10.35 -20.01 0.46
N GLY B 242 -9.55 -20.07 1.50
CA GLY B 242 -8.82 -21.29 1.80
C GLY B 242 -7.49 -21.56 1.12
N GLU B 243 -7.15 -22.84 1.09
CA GLU B 243 -5.84 -23.30 0.62
C GLU B 243 -5.45 -22.82 -0.79
N SER B 244 -6.38 -22.86 -1.73
CA SER B 244 -6.09 -22.42 -3.12
C SER B 244 -5.70 -20.94 -3.20
N THR B 245 -6.49 -20.09 -2.53
CA THR B 245 -6.20 -18.65 -2.47
C THR B 245 -4.92 -18.41 -1.65
N ARG B 246 -4.73 -19.16 -0.55
CA ARG B 246 -3.55 -19.04 0.32
C ARG B 246 -2.26 -19.29 -0.52
N ALA B 247 -2.28 -20.33 -1.33
CA ALA B 247 -1.15 -20.65 -2.23
C ALA B 247 -0.94 -19.56 -3.29
N LEU B 248 -2.00 -19.07 -3.91
CA LEU B 248 -1.84 -18.04 -4.94
C LEU B 248 -1.26 -16.73 -4.37
N ALA B 249 -1.72 -16.39 -3.16
CA ALA B 249 -1.29 -15.18 -2.47
C ALA B 249 0.20 -15.28 -2.10
N LEU B 250 0.65 -16.46 -1.71
CA LEU B 250 2.04 -16.67 -1.34
C LEU B 250 2.94 -16.65 -2.59
N GLU B 251 2.47 -17.30 -3.65
CA GLU B 251 3.18 -17.34 -4.93
C GLU B 251 3.33 -15.92 -5.51
N ALA B 252 2.28 -15.11 -5.39
CA ALA B 252 2.34 -13.71 -5.85
C ALA B 252 3.42 -12.93 -5.05
N ALA B 253 3.34 -12.99 -3.72
CA ALA B 253 4.28 -12.26 -2.86
C ALA B 253 5.71 -12.65 -3.22
N GLN B 254 5.92 -13.93 -3.49
CA GLN B 254 7.25 -14.43 -3.83
C GLN B 254 7.73 -13.93 -5.20
N HIS B 255 6.80 -13.50 -6.06
CA HIS B 255 7.13 -12.95 -7.37
C HIS B 255 7.02 -11.42 -7.44
N GLY B 256 6.87 -10.76 -6.29
CA GLY B 256 6.77 -9.30 -6.25
C GLY B 256 5.44 -8.75 -6.76
N VAL B 257 4.40 -9.58 -6.77
CA VAL B 257 3.07 -9.15 -7.18
C VAL B 257 2.19 -8.94 -5.96
N ARG B 258 1.55 -7.79 -5.88
CA ARG B 258 0.67 -7.49 -4.76
C ARG B 258 -0.67 -8.15 -4.99
N THR B 259 -1.39 -8.43 -3.90
CA THR B 259 -2.74 -8.97 -3.97
C THR B 259 -3.70 -8.27 -3.02
N LEU B 260 -4.99 -8.42 -3.33
CA LEU B 260 -6.10 -8.03 -2.46
C LEU B 260 -6.70 -9.39 -2.23
N ALA B 261 -6.49 -9.92 -1.04
CA ALA B 261 -6.93 -11.26 -0.70
C ALA B 261 -7.26 -11.43 0.78
N HIS B 262 -8.19 -12.34 1.03
CA HIS B 262 -8.62 -12.74 2.36
C HIS B 262 -8.73 -14.28 2.37
N ALA B 263 -7.62 -14.96 2.13
CA ALA B 263 -7.58 -16.43 2.10
C ALA B 263 -8.24 -17.05 3.33
N ASP B 264 -7.91 -16.49 4.50
CA ASP B 264 -8.41 -17.00 5.77
C ASP B 264 -9.24 -15.95 6.50
N GLY B 265 -10.49 -16.31 6.82
CA GLY B 265 -11.40 -15.40 7.53
C GLY B 265 -11.85 -15.98 8.86
N GLY B 266 -13.07 -15.65 9.25
CA GLY B 266 -13.66 -16.17 10.49
C GLY B 266 -13.72 -15.11 11.57
N GLY B 267 -14.91 -14.60 11.80
CA GLY B 267 -15.13 -13.60 12.83
C GLY B 267 -15.07 -14.16 14.24
N VAL B 268 -14.66 -13.32 15.18
CA VAL B 268 -14.61 -13.65 16.60
C VAL B 268 -15.69 -12.79 17.27
N LEU B 269 -16.36 -13.37 18.28
CA LEU B 269 -17.27 -12.62 19.12
C LEU B 269 -16.88 -12.89 20.57
N TYR B 270 -16.65 -11.83 21.32
CA TYR B 270 -16.33 -11.95 22.74
C TYR B 270 -17.52 -11.48 23.58
N VAL B 271 -18.06 -12.38 24.39
CA VAL B 271 -19.18 -12.06 25.27
C VAL B 271 -18.59 -11.66 26.61
N ASP B 272 -18.63 -10.35 26.90
CA ASP B 272 -18.09 -9.79 28.12
C ASP B 272 -19.02 -9.97 29.33
N GLU B 273 -18.43 -9.80 30.51
CA GLU B 273 -19.14 -9.89 31.78
C GLU B 273 -20.36 -8.97 31.87
N LYS B 274 -20.27 -7.80 31.23
CA LYS B 274 -21.38 -6.82 31.21
C LYS B 274 -22.27 -6.89 29.94
N ALA B 275 -22.30 -8.05 29.29
CA ALA B 275 -23.11 -8.24 28.09
C ALA B 275 -24.59 -8.31 28.40
N ASP B 276 -25.39 -8.02 27.38
CA ASP B 276 -26.84 -8.03 27.46
C ASP B 276 -27.35 -9.29 26.79
N ARG B 277 -28.21 -10.05 27.48
CA ARG B 277 -28.76 -11.31 26.94
C ARG B 277 -29.46 -11.17 25.58
N ASP B 278 -30.26 -10.13 25.40
CA ASP B 278 -31.00 -9.93 24.16
C ASP B 278 -30.03 -9.62 23.00
N THR B 279 -29.02 -8.81 23.28
CA THR B 279 -28.03 -8.43 22.29
C THR B 279 -27.20 -9.64 21.86
N VAL B 280 -26.77 -10.45 22.83
CA VAL B 280 -26.00 -11.66 22.54
C VAL B 280 -26.82 -12.62 21.67
N ARG B 281 -28.08 -12.82 22.03
CA ARG B 281 -28.95 -13.70 21.26
C ARG B 281 -29.00 -13.22 19.81
N SER B 282 -29.28 -11.93 19.65
CA SER B 282 -29.35 -11.32 18.32
C SER B 282 -28.02 -11.41 17.55
N LEU B 283 -26.90 -11.13 18.22
CA LEU B 283 -25.60 -11.20 17.58
C LEU B 283 -25.31 -12.61 17.05
N VAL B 284 -25.57 -13.62 17.87
CA VAL B 284 -25.30 -14.99 17.47
C VAL B 284 -26.17 -15.41 16.27
N VAL B 285 -27.46 -15.10 16.35
CA VAL B 285 -28.38 -15.45 15.27
C VAL B 285 -28.02 -14.73 13.98
N ASN B 286 -27.78 -13.42 14.08
CA ASN B 286 -27.46 -12.60 12.91
C ASN B 286 -26.00 -12.68 12.42
N SER B 287 -25.17 -13.49 13.07
CA SER B 287 -23.80 -13.70 12.60
C SER B 287 -23.69 -15.08 11.96
N LEU B 288 -24.81 -15.80 11.91
CA LEU B 288 -24.81 -17.15 11.37
C LEU B 288 -25.91 -17.36 10.32
N ASP B 289 -26.25 -16.30 9.59
CA ASP B 289 -27.23 -16.40 8.50
C ASP B 289 -26.64 -17.16 7.31
N ARG B 290 -25.33 -17.07 7.10
CA ARG B 290 -24.67 -17.84 6.03
C ARG B 290 -23.43 -18.49 6.63
N LEU B 291 -23.28 -19.79 6.40
CA LEU B 291 -22.22 -20.56 7.03
C LEU B 291 -20.95 -20.71 6.22
N GLY B 292 -20.98 -20.31 4.94
CA GLY B 292 -19.82 -20.41 4.07
C GLY B 292 -19.02 -19.12 3.86
N VAL B 293 -19.41 -18.01 4.50
CA VAL B 293 -18.74 -16.72 4.28
C VAL B 293 -17.56 -16.44 5.23
N CYS B 294 -16.73 -15.48 4.86
CA CYS B 294 -15.52 -15.14 5.63
C CYS B 294 -15.74 -14.28 6.88
N ASN B 295 -16.87 -13.57 6.96
CA ASN B 295 -17.15 -12.65 8.09
C ASN B 295 -18.27 -13.07 9.07
N ARG B 296 -18.60 -14.35 9.04
CA ARG B 296 -19.55 -14.93 9.99
C ARG B 296 -18.84 -15.18 11.32
N LEU B 297 -19.64 -15.49 12.34
CA LEU B 297 -19.12 -15.86 13.63
C LEU B 297 -18.49 -17.24 13.51
N ASN B 298 -17.22 -17.35 13.93
CA ASN B 298 -16.48 -18.62 13.88
C ASN B 298 -16.02 -19.09 15.27
N LEU B 299 -15.51 -18.14 16.05
CA LEU B 299 -15.01 -18.40 17.40
C LEU B 299 -15.73 -17.49 18.37
N LEU B 300 -16.43 -18.11 19.33
CA LEU B 300 -17.16 -17.43 20.37
C LEU B 300 -16.39 -17.54 21.69
N LEU B 301 -16.01 -16.39 22.25
CA LEU B 301 -15.25 -16.34 23.51
C LEU B 301 -16.18 -15.79 24.56
N ILE B 302 -16.30 -16.48 25.70
CA ILE B 302 -17.23 -16.07 26.74
C ILE B 302 -16.52 -15.85 28.06
N HIS B 303 -16.71 -14.67 28.64
CA HIS B 303 -16.13 -14.34 29.94
C HIS B 303 -16.58 -15.37 30.99
N ASP B 304 -15.60 -15.93 31.70
CA ASP B 304 -15.84 -16.94 32.72
C ASP B 304 -16.95 -16.63 33.71
N ALA B 305 -17.05 -15.38 34.14
CA ALA B 305 -18.02 -14.96 35.15
C ALA B 305 -19.49 -15.04 34.73
N VAL B 306 -19.77 -15.01 33.44
CA VAL B 306 -21.16 -15.08 32.96
C VAL B 306 -21.44 -16.28 32.08
N TYR B 307 -20.48 -17.20 31.98
CA TYR B 307 -20.61 -18.37 31.13
C TYR B 307 -21.87 -19.17 31.46
N GLU B 308 -22.02 -19.55 32.73
CA GLU B 308 -23.18 -20.34 33.16
C GLU B 308 -24.50 -19.61 32.92
N GLU B 309 -24.54 -18.31 33.17
CA GLU B 309 -25.78 -17.53 32.98
C GLU B 309 -26.16 -17.35 31.51
N PHE B 310 -25.17 -17.16 30.64
CA PHE B 310 -25.43 -16.91 29.21
C PHE B 310 -25.51 -18.13 28.30
N TRP B 311 -24.95 -19.26 28.73
CA TRP B 311 -24.99 -20.46 27.91
C TRP B 311 -26.42 -20.87 27.43
N PRO B 312 -27.43 -20.76 28.31
CA PRO B 312 -28.78 -21.11 27.83
C PRO B 312 -29.26 -20.22 26.67
N VAL B 313 -28.86 -18.96 26.69
CA VAL B 313 -29.22 -18.01 25.63
C VAL B 313 -28.37 -18.32 24.38
N VAL B 314 -27.09 -18.61 24.60
CA VAL B 314 -26.18 -18.93 23.49
C VAL B 314 -26.63 -20.22 22.80
N SER B 315 -27.05 -21.22 23.58
CA SER B 315 -27.51 -22.49 23.05
C SER B 315 -28.79 -22.33 22.24
N GLU B 316 -29.71 -21.52 22.75
CA GLU B 316 -30.96 -21.26 22.06
C GLU B 316 -30.67 -20.58 20.72
N ALA B 317 -29.73 -19.65 20.72
CA ALA B 317 -29.36 -18.93 19.49
C ALA B 317 -28.67 -19.86 18.48
N LEU B 318 -27.72 -20.66 18.95
CA LEU B 318 -27.03 -21.61 18.05
C LEU B 318 -28.05 -22.60 17.45
N ALA B 319 -28.91 -23.16 18.28
CA ALA B 319 -29.93 -24.11 17.80
C ALA B 319 -30.83 -23.45 16.74
N GLU B 320 -31.12 -22.17 16.92
CA GLU B 320 -31.96 -21.42 16.00
C GLU B 320 -31.40 -21.48 14.57
N ARG B 321 -30.07 -21.50 14.48
CA ARG B 321 -29.38 -21.56 13.19
C ARG B 321 -28.88 -22.95 12.78
N GLY B 322 -29.22 -23.98 13.55
CA GLY B 322 -28.80 -25.35 13.24
C GLY B 322 -27.30 -25.52 13.35
N VAL B 323 -26.70 -24.78 14.29
CA VAL B 323 -25.25 -24.80 14.51
C VAL B 323 -24.88 -25.45 15.83
N SER B 324 -23.88 -26.33 15.81
CA SER B 324 -23.43 -27.02 17.00
C SER B 324 -22.14 -26.41 17.55
N PRO B 325 -22.01 -26.36 18.89
CA PRO B 325 -20.81 -25.81 19.47
C PRO B 325 -19.67 -26.82 19.46
N SER B 326 -18.43 -26.34 19.30
CA SER B 326 -17.25 -27.19 19.41
C SER B 326 -16.55 -26.78 20.71
N LEU B 327 -16.52 -27.70 21.66
CA LEU B 327 -15.97 -27.47 22.98
C LEU B 327 -14.68 -28.26 23.23
N PRO B 328 -13.85 -27.79 24.17
CA PRO B 328 -12.62 -28.53 24.46
C PRO B 328 -12.95 -29.91 25.03
N PRO B 329 -12.13 -30.92 24.74
CA PRO B 329 -10.91 -30.83 23.92
C PRO B 329 -11.24 -30.65 22.43
N TYR B 330 -10.57 -29.70 21.77
CA TYR B 330 -10.82 -29.45 20.36
C TYR B 330 -10.06 -30.44 19.49
N ASP B 331 -10.57 -30.70 18.29
CA ASP B 331 -9.90 -31.60 17.33
C ASP B 331 -9.10 -30.81 16.28
N HIS B 332 -9.21 -29.49 16.32
CA HIS B 332 -8.47 -28.61 15.41
C HIS B 332 -7.99 -27.38 16.21
N PRO B 333 -7.10 -26.55 15.61
CA PRO B 333 -6.67 -25.34 16.33
C PRO B 333 -7.86 -24.48 16.72
N ILE B 334 -7.70 -23.65 17.76
CA ILE B 334 -8.80 -22.83 18.24
C ILE B 334 -9.36 -21.94 17.12
N GLY B 335 -8.48 -21.43 16.26
CA GLY B 335 -8.88 -20.57 15.16
C GLY B 335 -9.33 -21.26 13.87
N TYR B 336 -9.47 -22.60 13.91
CA TYR B 336 -9.90 -23.38 12.74
C TYR B 336 -11.17 -22.75 12.19
N GLU B 337 -11.19 -22.47 10.89
CA GLU B 337 -12.32 -21.79 10.27
C GLU B 337 -13.33 -22.78 9.71
N TRP B 338 -14.50 -22.85 10.34
CA TRP B 338 -15.52 -23.82 9.95
C TRP B 338 -16.07 -23.63 8.52
N ALA B 339 -16.13 -22.37 8.05
CA ALA B 339 -16.61 -22.08 6.69
C ALA B 339 -15.80 -22.81 5.63
N LEU B 340 -14.54 -23.14 5.92
CA LEU B 340 -13.69 -23.84 4.93
C LEU B 340 -13.84 -25.36 4.97
N ASP B 341 -14.67 -25.88 5.88
CA ASP B 341 -14.90 -27.33 6.01
C ASP B 341 -16.37 -27.61 5.65
N SER B 342 -16.64 -27.81 4.36
CA SER B 342 -18.01 -28.03 3.88
C SER B 342 -18.80 -28.97 4.80
N GLU B 343 -18.21 -30.13 5.06
CA GLU B 343 -18.80 -31.16 5.92
C GLU B 343 -19.24 -30.66 7.31
N ARG B 344 -18.44 -29.80 7.94
CA ARG B 344 -18.77 -29.31 9.29
C ARG B 344 -18.95 -27.80 9.41
N GLU B 345 -19.51 -27.16 8.38
CA GLU B 345 -19.69 -25.71 8.40
C GLU B 345 -20.66 -25.19 9.48
N ALA B 346 -21.66 -26.00 9.84
CA ALA B 346 -22.63 -25.63 10.88
C ALA B 346 -22.06 -25.91 12.27
N THR B 347 -20.95 -25.25 12.57
CA THR B 347 -20.25 -25.40 13.82
C THR B 347 -19.64 -24.06 14.23
N VAL B 348 -19.51 -23.86 15.54
CA VAL B 348 -18.86 -22.68 16.11
C VAL B 348 -18.01 -23.10 17.29
N THR B 349 -16.76 -22.66 17.31
CA THR B 349 -15.85 -22.97 18.42
C THR B 349 -16.13 -22.05 19.61
N VAL B 350 -16.27 -22.64 20.79
CA VAL B 350 -16.56 -21.91 22.01
C VAL B 350 -15.45 -22.12 23.04
N ALA B 351 -15.01 -21.01 23.65
CA ALA B 351 -14.00 -21.04 24.70
C ALA B 351 -14.37 -20.08 25.79
N ARG B 352 -14.03 -20.41 27.02
CA ARG B 352 -14.28 -19.50 28.11
C ARG B 352 -12.96 -18.78 28.39
N VAL B 353 -13.04 -17.47 28.57
CA VAL B 353 -11.85 -16.67 28.78
C VAL B 353 -11.92 -15.92 30.09
N ASP B 354 -10.75 -15.51 30.55
CA ASP B 354 -10.61 -14.82 31.83
C ASP B 354 -11.10 -13.37 31.81
N GLY B 355 -10.98 -12.71 30.68
CA GLY B 355 -11.38 -11.31 30.57
C GLY B 355 -11.06 -10.75 29.20
N VAL B 356 -11.17 -9.43 29.07
CA VAL B 356 -10.92 -8.72 27.81
C VAL B 356 -9.49 -8.91 27.28
N ALA B 357 -8.49 -8.84 28.17
CA ALA B 357 -7.11 -9.00 27.73
C ALA B 357 -6.86 -10.36 27.06
N GLU B 358 -7.39 -11.45 27.62
CA GLU B 358 -7.20 -12.76 27.02
C GLU B 358 -7.99 -12.86 25.69
N ALA B 359 -9.20 -12.29 25.68
CA ALA B 359 -10.04 -12.29 24.47
C ALA B 359 -9.26 -11.64 23.33
N VAL B 360 -8.67 -10.48 23.60
CA VAL B 360 -7.88 -9.74 22.62
C VAL B 360 -6.66 -10.52 22.11
N ARG B 361 -5.91 -11.10 23.04
CA ARG B 361 -4.72 -11.91 22.70
C ARG B 361 -5.12 -13.09 21.78
N ILE B 362 -6.16 -13.82 22.14
CA ILE B 362 -6.62 -14.93 21.31
C ILE B 362 -7.03 -14.42 19.91
N ALA B 363 -7.79 -13.35 19.88
CA ALA B 363 -8.25 -12.76 18.62
C ALA B 363 -7.07 -12.39 17.72
N ASN B 364 -6.10 -11.66 18.28
CA ASN B 364 -4.91 -11.26 17.54
C ASN B 364 -3.94 -12.40 17.20
N GLU B 365 -3.75 -13.34 18.12
CA GLU B 365 -2.72 -14.38 17.90
C GLU B 365 -3.23 -15.64 17.22
N GLU B 366 -4.50 -15.97 17.41
CA GLU B 366 -5.03 -17.24 16.91
C GLU B 366 -5.98 -17.17 15.71
N THR B 367 -6.31 -15.97 15.26
CA THR B 367 -7.20 -15.81 14.10
C THR B 367 -6.47 -15.00 13.02
N SER B 368 -7.09 -14.88 11.86
CA SER B 368 -6.49 -14.18 10.73
C SER B 368 -6.55 -12.65 10.83
N GLY B 369 -7.26 -12.13 11.83
CA GLY B 369 -7.38 -10.68 12.00
C GLY B 369 -8.33 -10.02 11.00
N LEU B 370 -9.38 -10.74 10.61
N LEU B 370 -9.38 -10.73 10.60
CA LEU B 370 -10.34 -10.19 9.68
CA LEU B 370 -10.34 -10.17 9.64
C LEU B 370 -11.32 -9.30 10.43
C LEU B 370 -11.38 -9.31 10.37
N ALA B 371 -12.01 -9.88 11.40
CA ALA B 371 -13.01 -9.16 12.19
C ALA B 371 -13.21 -9.77 13.59
N ALA B 372 -13.49 -8.91 14.56
CA ALA B 372 -13.79 -9.34 15.91
C ALA B 372 -14.75 -8.35 16.56
N GLY B 373 -15.70 -8.88 17.31
CA GLY B 373 -16.65 -8.04 18.02
C GLY B 373 -16.68 -8.30 19.51
N ILE B 374 -17.21 -7.35 20.25
CA ILE B 374 -17.40 -7.49 21.69
C ILE B 374 -18.86 -7.20 21.97
N ALA B 375 -19.46 -8.05 22.80
CA ALA B 375 -20.82 -7.81 23.29
C ALA B 375 -20.64 -7.35 24.73
N THR B 376 -20.99 -6.09 25.02
CA THR B 376 -20.90 -5.52 26.36
C THR B 376 -21.68 -4.20 26.48
N GLU B 377 -22.09 -3.85 27.68
CA GLU B 377 -22.75 -2.57 27.93
C GLU B 377 -21.76 -1.65 28.67
N ASP B 378 -20.56 -2.17 28.93
CA ASP B 378 -19.51 -1.42 29.64
C ASP B 378 -18.56 -0.76 28.64
N ALA B 379 -18.69 0.56 28.53
CA ALA B 379 -17.88 1.38 27.62
C ALA B 379 -16.38 1.19 27.80
N ARG B 380 -15.93 0.98 29.05
CA ARG B 380 -14.51 0.78 29.30
C ARG B 380 -14.00 -0.52 28.73
N ALA B 381 -14.79 -1.58 28.83
CA ALA B 381 -14.43 -2.88 28.27
C ALA B 381 -14.38 -2.79 26.72
N ALA B 382 -15.33 -2.09 26.13
CA ALA B 382 -15.34 -1.96 24.67
C ALA B 382 -14.11 -1.15 24.20
N GLU B 383 -13.79 -0.07 24.90
CA GLU B 383 -12.63 0.78 24.56
C GLU B 383 -11.33 -0.02 24.58
N GLU B 384 -11.20 -0.89 25.57
CA GLU B 384 -10.00 -1.71 25.72
C GLU B 384 -9.91 -2.73 24.60
N PHE B 385 -11.05 -3.31 24.24
CA PHE B 385 -11.13 -4.26 23.16
C PHE B 385 -10.75 -3.57 21.85
N PHE B 386 -11.28 -2.36 21.63
CA PHE B 386 -11.00 -1.56 20.42
C PHE B 386 -9.52 -1.18 20.34
N ASP B 387 -8.96 -0.74 21.45
CA ASP B 387 -7.55 -0.37 21.48
C ASP B 387 -6.63 -1.58 21.28
N GLY B 388 -7.03 -2.75 21.77
CA GLY B 388 -6.20 -3.96 21.69
C GLY B 388 -6.29 -4.81 20.42
N TYR B 389 -7.47 -4.94 19.85
CA TYR B 389 -7.65 -5.77 18.67
C TYR B 389 -7.03 -5.11 17.44
N GLN B 390 -6.22 -5.88 16.71
CA GLN B 390 -5.49 -5.36 15.54
C GLN B 390 -6.04 -5.75 14.14
N GLY B 391 -7.20 -6.40 14.10
CA GLY B 391 -7.83 -6.81 12.84
C GLY B 391 -8.43 -5.68 12.03
N THR B 392 -8.98 -6.01 10.86
CA THR B 392 -9.44 -4.98 9.90
C THR B 392 -10.76 -4.29 10.27
N GLY B 393 -11.57 -4.96 11.08
CA GLY B 393 -12.84 -4.42 11.50
C GLY B 393 -13.12 -4.82 12.93
N VAL B 394 -13.46 -3.85 13.77
CA VAL B 394 -13.75 -4.12 15.18
C VAL B 394 -15.21 -3.70 15.44
N PHE B 395 -15.92 -4.50 16.23
CA PHE B 395 -17.37 -4.33 16.43
C PHE B 395 -17.80 -4.34 17.88
N TRP B 396 -18.76 -3.47 18.21
CA TRP B 396 -19.31 -3.38 19.58
C TRP B 396 -20.82 -3.52 19.47
N ASN B 397 -21.36 -4.65 19.95
CA ASN B 397 -22.81 -4.93 19.87
C ASN B 397 -23.30 -4.83 18.40
N ALA B 398 -22.52 -5.39 17.48
CA ALA B 398 -22.82 -5.37 16.05
C ALA B 398 -22.15 -6.59 15.40
N PRO B 399 -22.88 -7.30 14.53
CA PRO B 399 -22.33 -8.51 13.90
C PRO B 399 -21.19 -8.25 12.93
N THR B 400 -20.20 -9.15 12.91
CA THR B 400 -19.07 -9.02 11.98
C THR B 400 -19.50 -9.23 10.53
N ARG B 401 -20.68 -9.81 10.31
CA ARG B 401 -21.23 -10.00 8.97
C ARG B 401 -21.38 -8.68 8.22
N LEU B 402 -21.30 -7.57 8.94
CA LEU B 402 -21.37 -6.25 8.34
C LEU B 402 -20.06 -5.80 7.70
N LEU B 403 -18.96 -6.54 7.86
CA LEU B 403 -17.67 -6.14 7.28
C LEU B 403 -17.73 -6.43 5.79
N ASP B 404 -18.21 -5.43 5.06
CA ASP B 404 -18.43 -5.55 3.63
C ASP B 404 -18.54 -4.15 3.10
N GLY B 405 -17.95 -3.92 1.93
CA GLY B 405 -17.94 -2.61 1.33
C GLY B 405 -19.30 -2.03 1.08
N PHE B 406 -20.23 -2.84 0.60
CA PHE B 406 -21.56 -2.33 0.31
C PHE B 406 -22.31 -1.98 1.56
N LYS B 407 -22.29 -2.88 2.55
CA LYS B 407 -23.01 -2.71 3.81
C LYS B 407 -22.53 -1.52 4.62
N LEU B 408 -21.24 -1.21 4.53
CA LEU B 408 -20.66 -0.10 5.27
C LEU B 408 -20.59 1.21 4.47
N LEU B 409 -20.19 1.11 3.19
CA LEU B 409 -19.96 2.30 2.37
C LEU B 409 -20.97 2.58 1.22
N GLY B 410 -21.91 1.67 0.99
CA GLY B 410 -22.91 1.86 -0.07
C GLY B 410 -22.40 1.67 -1.49
N VAL B 411 -21.16 1.22 -1.64
CA VAL B 411 -20.58 0.95 -2.96
C VAL B 411 -20.12 -0.51 -3.03
N PRO B 412 -20.00 -1.08 -4.23
CA PRO B 412 -19.60 -2.50 -4.30
C PRO B 412 -18.23 -2.79 -3.71
N GLU B 413 -18.10 -4.00 -3.17
CA GLU B 413 -16.87 -4.49 -2.58
C GLU B 413 -15.95 -5.07 -3.65
N THR B 414 -14.71 -4.60 -3.72
CA THR B 414 -13.74 -5.15 -4.67
C THR B 414 -13.22 -6.51 -4.19
N GLY B 415 -13.15 -6.65 -2.87
CA GLY B 415 -12.67 -7.86 -2.20
C GLY B 415 -11.85 -7.48 -0.99
N ILE B 416 -12.13 -8.08 0.16
CA ILE B 416 -11.41 -7.73 1.39
C ILE B 416 -9.91 -8.05 1.32
N ASN B 417 -9.08 -7.14 1.83
CA ASN B 417 -7.64 -7.37 1.90
C ASN B 417 -7.14 -7.41 3.34
N LEU B 418 -6.35 -8.44 3.65
CA LEU B 418 -5.75 -8.62 4.98
C LEU B 418 -4.25 -8.23 5.16
N ASP B 419 -3.65 -7.43 4.30
CA ASP B 419 -2.24 -7.04 4.53
C ASP B 419 -2.12 -6.32 5.91
N LYS B 420 -0.93 -6.29 6.46
CA LYS B 420 -0.68 -5.66 7.77
C LYS B 420 0.09 -4.33 7.62
N VAL B 421 0.03 -3.74 6.43
CA VAL B 421 0.84 -2.59 6.10
C VAL B 421 0.03 -1.50 5.41
N PRO B 422 0.60 -0.28 5.27
CA PRO B 422 -0.13 0.81 4.61
C PRO B 422 -0.60 0.44 3.19
N GLY B 423 -1.82 0.87 2.87
CA GLY B 423 -2.46 0.58 1.58
C GLY B 423 -3.86 0.00 1.86
N PRO B 424 -4.56 -0.50 0.82
CA PRO B 424 -5.90 -1.05 1.03
C PRO B 424 -5.94 -2.13 2.11
N ARG B 425 -6.97 -2.04 2.97
CA ARG B 425 -7.13 -2.98 4.07
C ARG B 425 -8.59 -3.08 4.50
N GLY B 426 -8.99 -4.29 4.87
CA GLY B 426 -10.39 -4.58 5.20
C GLY B 426 -11.15 -4.52 3.88
N PRO B 427 -12.44 -4.20 3.90
CA PRO B 427 -13.18 -4.03 2.66
C PRO B 427 -12.46 -3.04 1.73
N VAL B 428 -12.41 -3.37 0.44
CA VAL B 428 -11.78 -2.52 -0.57
C VAL B 428 -12.86 -2.09 -1.54
N THR B 429 -12.84 -0.80 -1.95
CA THR B 429 -13.79 -0.27 -2.93
C THR B 429 -12.98 0.49 -4.00
N TYR B 430 -13.63 0.87 -5.09
CA TYR B 430 -12.95 1.47 -6.26
C TYR B 430 -12.01 2.68 -5.99
N PRO B 431 -12.35 3.59 -5.04
CA PRO B 431 -11.41 4.72 -4.76
C PRO B 431 -10.06 4.29 -4.13
N ASP B 432 -9.94 3.04 -3.68
CA ASP B 432 -8.64 2.53 -3.19
C ASP B 432 -7.67 2.14 -4.35
N LEU B 433 -8.21 1.93 -5.55
CA LEU B 433 -7.44 1.39 -6.69
C LEU B 433 -6.75 2.44 -7.54
N TYR B 434 -5.83 3.16 -6.91
CA TYR B 434 -5.11 4.24 -7.55
C TYR B 434 -3.70 4.30 -6.95
N VAL B 435 -2.82 5.06 -7.59
CA VAL B 435 -1.48 5.30 -7.06
C VAL B 435 -1.26 6.81 -7.06
N ARG B 436 -0.46 7.27 -6.11
CA ARG B 436 -0.17 8.69 -5.96
C ARG B 436 0.95 9.14 -6.89
N GLN B 437 0.82 10.36 -7.42
CA GLN B 437 1.86 10.97 -8.21
C GLN B 437 1.87 12.46 -7.89
N TYR B 438 3.06 13.03 -7.70
CA TYR B 438 3.15 14.47 -7.50
C TYR B 438 3.49 15.12 -8.82
N ALA B 439 2.97 16.31 -9.07
CA ALA B 439 3.32 17.06 -10.27
C ALA B 439 3.69 18.46 -9.84
N VAL B 440 4.76 18.98 -10.46
CA VAL B 440 5.20 20.36 -10.22
C VAL B 440 5.23 21.10 -11.54
N LEU B 441 4.67 22.33 -11.57
CA LEU B 441 4.59 23.09 -12.81
C LEU B 441 4.63 24.58 -12.54
N PRO B 442 4.75 25.44 -13.61
CA PRO B 442 4.77 26.88 -13.32
C PRO B 442 3.46 27.35 -12.65
N VAL B 443 3.58 28.34 -11.76
CA VAL B 443 2.46 28.78 -10.94
C VAL B 443 1.31 29.40 -11.72
N GLU B 444 1.62 30.05 -12.84
CA GLU B 444 0.64 30.73 -13.67
C GLU B 444 0.14 29.87 -14.84
N ARG B 445 0.65 28.64 -14.94
CA ARG B 445 0.24 27.67 -15.97
C ARG B 445 -0.64 26.59 -15.34
#